data_8V5S
#
_entry.id   8V5S
#
_cell.length_a   105.077
_cell.length_b   60.410
_cell.length_c   114.667
_cell.angle_alpha   90.000
_cell.angle_beta   93.890
_cell.angle_gamma   90.000
#
_symmetry.space_group_name_H-M   'P 1 21 1'
#
loop_
_entity.id
_entity.type
_entity.pdbx_description
1 polymer '5A2 Fab Heavy Chain'
2 polymer '5A2 Fab Light Chain'
3 polymer 'Envelope glycoprotein E'
#
loop_
_entity_poly.entity_id
_entity_poly.type
_entity_poly.pdbx_seq_one_letter_code
_entity_poly.pdbx_strand_id
1 'polypeptide(L)'
;QVQLQESGPGLVKPSETLSLTCIVSGGSISRYYWSWIRQPPGRGLEWIGNIYYTGTTNYNPSLQSRVTISLDTSKNQFSL
RLTSVTAADTAVYYCARIGGVSFGERPIDYWGQGTLVTVSSASTKGPSVFPLAPSSKSTSGGTAALGCLVKDYFPEPVTV
SWNSGALTSGVHTFPAVLQSSGLYSLSSVVTVPSSSLGTQTYICNVNHKPSNTKVDKRVEPKSCDKGSENLYFQGSHHHH
HH
;
H,A
2 'polypeptide(L)'
;DIQMTQSPSSLSASVGDRVTITCRASQTISTYLNWYQQKPGKAPKLLIYAASTLQSGVPSRFSGSGSGTDFTLTITSLQP
EDFAAYYCQQSYSIPLTFGGGTKVEIKGQPKAAPSVTLFPPSSEELQANKATLVCLISDFYPGAVTVAWKADSSPVKAGV
ETTTPSKQSNNKYAASSYLSLTPEQWKSHRSYSCQVTHEGSTVEKTVAPT
;
L,B
3 'polypeptide(L)'
;MGTVNKPVVGVLMGFGIITGTLRITNPVRAAVTPQPRGAEFHMWNYHSHVFSVGDTFSLAMHLQYKIHEAPFDLLLEWLY
VPIDPTCQPMRLYSTCLYHPNAPQCLSHMNSGCTFTSPHLAQRVASTVYQNCEHADNYTAYCLGISHMEPSFGLILHDGG
TTLKFVDTPESLSGLYVFVVYFNGHVEAVAYTVVSTVDHFVNAIEERGFPPTAGQPPATTKPKEITPVNPGTSPLIRYAA
WTGGLAGSHHHHHH
;
C,D
#
# COMPACT_ATOMS: atom_id res chain seq x y z
N GLN A 1 16.17 5.78 -30.17
CA GLN A 1 17.47 6.32 -29.75
C GLN A 1 17.38 7.83 -29.61
N VAL A 2 16.28 8.40 -30.12
CA VAL A 2 16.18 9.86 -30.19
C VAL A 2 16.15 10.44 -28.78
N GLN A 3 16.62 11.68 -28.66
CA GLN A 3 16.67 12.39 -27.39
C GLN A 3 16.07 13.77 -27.56
N LEU A 4 15.49 14.28 -26.47
CA LEU A 4 14.81 15.57 -26.49
C LEU A 4 15.23 16.39 -25.28
N GLN A 5 15.33 17.71 -25.48
CA GLN A 5 15.77 18.62 -24.41
C GLN A 5 14.86 19.84 -24.36
N GLU A 6 14.41 20.20 -23.17
CA GLU A 6 13.62 21.40 -22.96
C GLU A 6 14.53 22.59 -22.67
N SER A 7 14.10 23.77 -23.13
CA SER A 7 14.90 24.98 -23.08
C SER A 7 14.08 26.16 -22.58
N GLY A 8 13.35 25.97 -21.48
CA GLY A 8 12.49 27.00 -20.96
C GLY A 8 13.03 27.67 -19.71
N PRO A 9 12.61 28.92 -19.48
CA PRO A 9 13.00 29.60 -18.24
C PRO A 9 12.34 28.98 -17.02
N GLY A 10 13.12 28.85 -15.95
CA GLY A 10 12.64 28.23 -14.73
C GLY A 10 11.84 29.12 -13.81
N LEU A 11 11.67 30.39 -14.14
CA LEU A 11 10.91 31.32 -13.32
C LEU A 11 10.15 32.27 -14.22
N VAL A 12 8.84 32.36 -14.03
CA VAL A 12 7.97 33.22 -14.82
C VAL A 12 7.05 33.98 -13.86
N LYS A 13 6.99 35.30 -14.03
CA LYS A 13 6.11 36.10 -13.20
C LYS A 13 4.65 35.79 -13.52
N PRO A 14 3.76 35.91 -12.52
CA PRO A 14 2.36 35.51 -12.74
C PRO A 14 1.70 36.31 -13.84
N SER A 15 0.76 35.65 -14.53
CA SER A 15 -0.06 36.19 -15.62
C SER A 15 0.70 36.40 -16.91
N GLU A 16 1.98 36.07 -16.96
CA GLU A 16 2.80 36.30 -18.16
C GLU A 16 2.73 35.09 -19.08
N THR A 17 3.59 35.05 -20.09
CA THR A 17 3.67 33.96 -21.04
C THR A 17 4.80 33.02 -20.66
N LEU A 18 4.49 31.74 -20.47
CA LEU A 18 5.49 30.70 -20.33
C LEU A 18 5.81 30.15 -21.73
N SER A 19 7.08 30.20 -22.10
CA SER A 19 7.52 29.76 -23.42
C SER A 19 8.62 28.72 -23.25
N LEU A 20 8.34 27.49 -23.67
CA LEU A 20 9.32 26.42 -23.66
C LEU A 20 9.61 25.99 -25.10
N THR A 21 10.78 25.38 -25.29
CA THR A 21 11.18 24.88 -26.60
C THR A 21 11.87 23.54 -26.42
N CYS A 22 11.35 22.51 -27.07
CA CYS A 22 11.92 21.18 -27.03
C CYS A 22 12.67 20.93 -28.34
N ILE A 23 13.95 20.59 -28.22
CA ILE A 23 14.80 20.27 -29.35
C ILE A 23 14.97 18.75 -29.40
N VAL A 24 14.76 18.18 -30.57
CA VAL A 24 14.88 16.75 -30.79
C VAL A 24 16.17 16.49 -31.56
N SER A 25 16.81 15.36 -31.27
CA SER A 25 18.05 14.99 -31.94
C SER A 25 18.14 13.48 -32.00
N GLY A 26 18.87 12.98 -33.01
CA GLY A 26 18.99 11.56 -33.21
C GLY A 26 17.84 10.90 -33.94
N GLY A 27 16.87 11.68 -34.40
CA GLY A 27 15.72 11.13 -35.09
C GLY A 27 14.98 12.21 -35.86
N SER A 28 13.85 11.82 -36.43
CA SER A 28 13.07 12.68 -37.30
C SER A 28 11.74 13.07 -36.67
N ILE A 29 11.09 14.04 -37.30
CA ILE A 29 9.77 14.55 -36.94
C ILE A 29 8.76 13.82 -37.81
N SER A 30 9.19 12.68 -38.36
CA SER A 30 8.62 12.15 -39.60
C SER A 30 7.09 11.98 -39.53
N ARG A 31 6.63 11.04 -38.71
CA ARG A 31 5.22 10.70 -38.75
C ARG A 31 4.62 10.50 -37.35
N TYR A 32 5.29 10.97 -36.31
CA TYR A 32 4.81 10.82 -34.94
C TYR A 32 4.12 12.09 -34.49
N TYR A 33 3.51 12.01 -33.31
CA TYR A 33 2.98 13.19 -32.63
C TYR A 33 3.96 13.63 -31.56
N TRP A 34 4.08 14.94 -31.37
CA TRP A 34 5.07 15.51 -30.47
C TRP A 34 4.35 16.30 -29.39
N SER A 35 4.44 15.82 -28.15
CA SER A 35 3.50 16.17 -27.11
C SER A 35 4.18 16.82 -25.92
N TRP A 36 3.37 17.52 -25.12
CA TRP A 36 3.79 18.15 -23.88
C TRP A 36 2.94 17.63 -22.73
N ILE A 37 3.57 17.40 -21.58
CA ILE A 37 2.89 16.87 -20.41
C ILE A 37 3.39 17.61 -19.17
N ARG A 38 2.47 18.04 -18.32
CA ARG A 38 2.79 18.71 -17.07
C ARG A 38 2.70 17.73 -15.91
N GLN A 39 3.38 18.08 -14.83
CA GLN A 39 3.23 17.34 -13.58
C GLN A 39 3.45 18.27 -12.40
N PRO A 40 2.40 18.60 -11.64
CA PRO A 40 2.56 19.46 -10.45
C PRO A 40 3.56 18.87 -9.47
N PRO A 41 4.04 19.68 -8.51
CA PRO A 41 5.15 19.20 -7.66
C PRO A 41 4.86 17.91 -6.92
N GLY A 42 3.61 17.64 -6.56
CA GLY A 42 3.30 16.42 -5.85
C GLY A 42 2.19 15.60 -6.49
N ARG A 43 1.51 16.19 -7.47
CA ARG A 43 0.36 15.56 -8.10
C ARG A 43 0.80 14.62 -9.22
N GLY A 44 -0.20 14.03 -9.90
CA GLY A 44 0.05 13.26 -11.10
C GLY A 44 0.20 14.15 -12.32
N LEU A 45 0.51 13.51 -13.44
CA LEU A 45 0.81 14.22 -14.67
C LEU A 45 -0.42 14.30 -15.57
N GLU A 46 -0.52 15.39 -16.32
CA GLU A 46 -1.61 15.64 -17.25
C GLU A 46 -1.06 16.05 -18.61
N TRP A 47 -1.72 15.60 -19.66
CA TRP A 47 -1.30 15.90 -21.03
C TRP A 47 -1.89 17.24 -21.46
N ILE A 48 -1.04 18.13 -21.96
CA ILE A 48 -1.50 19.46 -22.37
C ILE A 48 -1.73 19.55 -23.88
N GLY A 49 -0.86 18.96 -24.69
CA GLY A 49 -1.11 18.98 -26.12
C GLY A 49 -0.03 18.27 -26.89
N ASN A 50 -0.36 17.98 -28.15
CA ASN A 50 0.58 17.41 -29.11
C ASN A 50 0.35 18.04 -30.48
N ILE A 51 1.33 17.88 -31.36
CA ILE A 51 1.30 18.52 -32.67
C ILE A 51 1.84 17.54 -33.71
N TYR A 52 1.21 17.53 -34.90
CA TYR A 52 1.65 16.72 -36.01
C TYR A 52 2.64 17.52 -36.87
N TYR A 53 3.10 16.91 -37.97
CA TYR A 53 4.09 17.56 -38.82
C TYR A 53 3.48 18.59 -39.75
N THR A 54 2.14 18.64 -39.88
CA THR A 54 1.44 19.66 -40.66
C THR A 54 0.39 20.29 -39.76
N GLY A 55 0.80 21.28 -38.95
CA GLY A 55 -0.07 21.88 -37.97
C GLY A 55 -0.81 20.84 -37.16
N THR A 56 -2.13 20.82 -37.28
CA THR A 56 -2.98 19.75 -36.76
C THR A 56 -2.64 19.43 -35.29
N THR A 57 -2.86 20.42 -34.44
CA THR A 57 -2.57 20.31 -33.03
C THR A 57 -3.78 19.75 -32.27
N ASN A 58 -3.51 18.86 -31.33
CA ASN A 58 -4.52 18.34 -30.42
C ASN A 58 -4.24 18.92 -29.04
N TYR A 59 -5.23 19.62 -28.48
CA TYR A 59 -5.08 20.29 -27.20
C TYR A 59 -6.02 19.68 -26.17
N ASN A 60 -5.57 19.66 -24.93
CA ASN A 60 -6.44 19.31 -23.82
C ASN A 60 -7.42 20.45 -23.60
N PRO A 61 -8.73 20.23 -23.72
CA PRO A 61 -9.68 21.34 -23.66
C PRO A 61 -9.81 21.99 -22.29
N SER A 62 -9.19 21.42 -21.25
CA SER A 62 -9.23 22.05 -19.94
C SER A 62 -8.58 23.43 -19.95
N LEU A 63 -7.54 23.62 -20.78
CA LEU A 63 -6.90 24.91 -20.90
C LEU A 63 -6.55 25.22 -22.35
N GLN A 64 -7.39 24.78 -23.30
CA GLN A 64 -7.17 25.10 -24.71
C GLN A 64 -7.20 26.61 -24.95
N SER A 65 -7.91 27.36 -24.11
CA SER A 65 -8.05 28.79 -24.29
C SER A 65 -6.75 29.55 -24.08
N ARG A 66 -5.72 28.91 -23.53
CA ARG A 66 -4.49 29.61 -23.16
C ARG A 66 -3.23 29.06 -23.81
N VAL A 67 -3.30 27.92 -24.49
CA VAL A 67 -2.09 27.20 -24.90
C VAL A 67 -2.04 27.09 -26.41
N THR A 68 -0.80 27.09 -26.93
CA THR A 68 -0.53 26.89 -28.35
C THR A 68 0.79 26.14 -28.49
N ILE A 69 0.87 25.29 -29.51
CA ILE A 69 2.07 24.52 -29.79
C ILE A 69 2.49 24.77 -31.23
N SER A 70 3.76 25.12 -31.43
CA SER A 70 4.28 25.47 -32.74
C SER A 70 5.41 24.52 -33.12
N LEU A 71 5.63 24.38 -34.43
CA LEU A 71 6.60 23.45 -34.97
C LEU A 71 7.68 24.22 -35.75
N ASP A 72 8.92 23.73 -35.65
CA ASP A 72 10.08 24.32 -36.29
C ASP A 72 10.90 23.19 -36.92
N THR A 73 10.23 22.43 -37.80
CA THR A 73 10.85 21.37 -38.60
C THR A 73 12.16 21.82 -39.23
N SER A 74 12.24 23.09 -39.64
CA SER A 74 13.46 23.60 -40.25
C SER A 74 14.64 23.51 -39.29
N LYS A 75 14.40 23.79 -38.01
CA LYS A 75 15.41 23.66 -36.97
C LYS A 75 15.23 22.39 -36.14
N ASN A 76 14.29 21.52 -36.53
CA ASN A 76 14.03 20.27 -35.82
C ASN A 76 13.69 20.51 -34.35
N GLN A 77 12.69 21.35 -34.10
CA GLN A 77 12.27 21.59 -32.73
C GLN A 77 10.78 21.90 -32.70
N PHE A 78 10.24 22.07 -31.49
CA PHE A 78 8.85 22.49 -31.35
C PHE A 78 8.67 23.18 -30.02
N SER A 79 7.84 24.22 -30.01
CA SER A 79 7.72 25.14 -28.89
C SER A 79 6.32 25.10 -28.29
N LEU A 80 6.26 25.37 -26.99
CA LEU A 80 5.03 25.42 -26.22
C LEU A 80 4.84 26.83 -25.67
N ARG A 81 3.65 27.40 -25.84
CA ARG A 81 3.33 28.74 -25.40
C ARG A 81 2.08 28.67 -24.53
N LEU A 82 2.18 29.16 -23.29
CA LEU A 82 1.09 29.12 -22.33
C LEU A 82 0.90 30.52 -21.76
N THR A 83 -0.20 31.17 -22.14
CA THR A 83 -0.42 32.57 -21.78
C THR A 83 -1.16 32.69 -20.45
N SER A 84 -0.91 33.81 -19.77
CA SER A 84 -1.57 34.15 -18.51
C SER A 84 -1.39 33.05 -17.46
N VAL A 85 -0.14 32.82 -17.09
CA VAL A 85 0.17 31.76 -16.15
C VAL A 85 -0.24 32.16 -14.74
N THR A 86 -1.01 31.30 -14.08
CA THR A 86 -1.39 31.50 -12.70
C THR A 86 -0.46 30.71 -11.79
N ALA A 87 -0.68 30.83 -10.48
CA ALA A 87 0.16 30.13 -9.51
C ALA A 87 0.01 28.62 -9.61
N ALA A 88 -1.10 28.12 -10.16
CA ALA A 88 -1.33 26.68 -10.27
C ALA A 88 -0.56 26.04 -11.41
N ASP A 89 0.03 26.82 -12.31
CA ASP A 89 0.76 26.26 -13.44
C ASP A 89 2.19 25.86 -13.08
N THR A 90 2.60 26.03 -11.82
CA THR A 90 3.92 25.59 -11.39
C THR A 90 3.98 24.07 -11.45
N ALA A 91 4.80 23.54 -12.36
CA ALA A 91 4.88 22.10 -12.58
C ALA A 91 6.14 21.80 -13.36
N VAL A 92 6.44 20.50 -13.48
CA VAL A 92 7.52 20.02 -14.32
C VAL A 92 6.96 19.69 -15.69
N TYR A 93 7.59 20.22 -16.73
CA TYR A 93 7.08 20.14 -18.09
C TYR A 93 7.98 19.21 -18.91
N TYR A 94 7.43 18.09 -19.35
CA TYR A 94 8.12 17.15 -20.21
C TYR A 94 7.65 17.31 -21.65
N CYS A 95 8.59 17.23 -22.58
CA CYS A 95 8.28 17.09 -24.00
C CYS A 95 8.61 15.66 -24.40
N ALA A 96 7.70 15.03 -25.15
CA ALA A 96 7.84 13.61 -25.44
C ALA A 96 7.25 13.30 -26.80
N ARG A 97 7.32 12.04 -27.19
CA ARG A 97 6.86 11.56 -28.48
C ARG A 97 5.79 10.50 -28.30
N ILE A 98 4.74 10.58 -29.12
CA ILE A 98 3.67 9.60 -29.16
C ILE A 98 3.66 8.99 -30.56
N GLY A 99 3.90 7.69 -30.65
CA GLY A 99 4.03 7.05 -31.93
C GLY A 99 3.45 5.65 -32.03
N GLY A 100 4.19 4.73 -32.65
CA GLY A 100 3.72 3.38 -32.84
C GLY A 100 2.89 3.23 -34.10
N VAL A 101 3.13 2.16 -34.86
CA VAL A 101 2.36 1.88 -36.08
C VAL A 101 1.79 0.48 -35.92
N SER A 102 0.58 0.40 -35.37
CA SER A 102 -0.20 -0.82 -35.22
C SER A 102 -1.57 -0.39 -34.68
N PHE A 103 -2.46 -1.36 -34.46
CA PHE A 103 -3.79 -0.99 -33.98
C PHE A 103 -3.75 -0.36 -32.60
N GLY A 104 -3.27 -1.12 -31.61
CA GLY A 104 -3.35 -0.66 -30.23
C GLY A 104 -2.16 0.14 -29.73
N GLU A 105 -1.34 0.65 -30.65
CA GLU A 105 -0.09 1.32 -30.29
C GLU A 105 -0.22 2.83 -30.52
N ARG A 106 -0.43 3.57 -29.43
CA ARG A 106 -0.24 5.02 -29.42
C ARG A 106 0.44 5.41 -28.11
N PRO A 107 1.65 4.90 -27.85
CA PRO A 107 2.29 5.13 -26.56
C PRO A 107 3.21 6.33 -26.55
N ILE A 108 3.42 6.87 -25.36
CA ILE A 108 4.42 7.92 -25.14
C ILE A 108 5.72 7.20 -24.82
N ASP A 109 6.41 6.78 -25.89
CA ASP A 109 7.56 5.89 -25.72
C ASP A 109 8.81 6.63 -25.30
N TYR A 110 9.17 7.69 -26.02
CA TYR A 110 10.40 8.44 -25.78
C TYR A 110 10.05 9.76 -25.11
N TRP A 111 10.47 9.90 -23.86
CA TRP A 111 10.22 11.08 -23.05
C TRP A 111 11.42 12.02 -23.07
N GLY A 112 11.16 13.28 -22.74
CA GLY A 112 12.21 14.24 -22.52
C GLY A 112 12.69 14.23 -21.07
N GLN A 113 13.60 15.15 -20.77
CA GLN A 113 14.16 15.22 -19.43
C GLN A 113 13.24 15.95 -18.46
N GLY A 114 12.51 16.95 -18.93
CA GLY A 114 11.61 17.69 -18.08
C GLY A 114 12.26 18.87 -17.38
N THR A 115 11.65 20.05 -17.51
CA THR A 115 12.14 21.26 -16.89
C THR A 115 11.13 21.77 -15.88
N LEU A 116 11.63 22.38 -14.80
CA LEU A 116 10.78 22.88 -13.73
C LEU A 116 10.47 24.36 -13.97
N VAL A 117 9.19 24.69 -13.98
CA VAL A 117 8.73 26.06 -14.19
C VAL A 117 7.97 26.47 -12.93
N THR A 118 8.64 27.21 -12.04
CA THR A 118 7.97 27.79 -10.90
C THR A 118 7.56 29.22 -11.24
N VAL A 119 6.33 29.57 -10.88
CA VAL A 119 5.79 30.91 -11.10
C VAL A 119 5.62 31.58 -9.75
N SER A 120 6.15 32.79 -9.64
CA SER A 120 6.08 33.61 -8.44
C SER A 120 6.56 35.00 -8.84
N SER A 121 6.69 35.89 -7.86
CA SER A 121 7.10 37.28 -8.11
C SER A 121 8.37 37.57 -7.33
N ALA A 122 9.50 37.44 -8.02
CA ALA A 122 10.82 37.83 -7.53
C ALA A 122 11.72 37.99 -8.76
N SER A 123 13.03 38.05 -8.55
CA SER A 123 13.95 38.13 -9.68
C SER A 123 14.82 36.88 -9.80
N THR A 124 15.66 36.59 -8.81
CA THR A 124 16.52 35.40 -8.78
C THR A 124 17.38 35.48 -7.53
N LYS A 125 18.14 34.40 -7.29
CA LYS A 125 19.22 34.42 -6.31
C LYS A 125 20.10 33.20 -6.54
N GLY A 126 21.41 33.41 -6.57
CA GLY A 126 22.35 32.33 -6.72
C GLY A 126 22.58 31.60 -5.41
N PRO A 127 23.06 30.36 -5.50
CA PRO A 127 23.27 29.56 -4.29
C PRO A 127 24.57 29.92 -3.57
N SER A 128 24.60 29.56 -2.29
CA SER A 128 25.79 29.70 -1.46
C SER A 128 26.23 28.32 -1.01
N VAL A 129 27.50 27.99 -1.27
CA VAL A 129 28.03 26.66 -1.03
C VAL A 129 29.01 26.71 0.13
N PHE A 130 28.87 25.78 1.08
CA PHE A 130 29.76 25.68 2.23
C PHE A 130 30.15 24.23 2.46
N PRO A 131 31.41 23.94 2.69
CA PRO A 131 31.84 22.54 2.87
C PRO A 131 31.45 22.00 4.25
N LEU A 132 31.51 20.68 4.36
CA LEU A 132 31.25 19.96 5.62
C LEU A 132 32.29 18.86 5.69
N ALA A 133 33.39 19.11 6.45
CA ALA A 133 34.56 18.26 6.60
C ALA A 133 34.41 17.33 7.80
N PRO A 134 35.01 16.13 7.74
CA PRO A 134 34.99 15.18 8.86
C PRO A 134 35.87 15.64 10.02
N GLY A 142 33.31 4.13 11.93
CA GLY A 142 33.45 3.13 10.88
C GLY A 142 34.08 3.70 9.61
N THR A 143 33.35 4.54 8.92
CA THR A 143 33.81 5.19 7.69
C THR A 143 33.74 6.70 7.86
N ALA A 144 34.09 7.41 6.79
CA ALA A 144 34.09 8.87 6.79
C ALA A 144 32.88 9.39 6.02
N ALA A 145 32.40 10.56 6.41
CA ALA A 145 31.27 11.21 5.77
C ALA A 145 31.59 12.68 5.55
N LEU A 146 31.39 13.16 4.33
CA LEU A 146 31.68 14.55 4.00
C LEU A 146 30.59 15.10 3.10
N GLY A 147 30.39 16.42 3.16
CA GLY A 147 29.26 16.99 2.45
C GLY A 147 29.47 18.40 1.95
N CYS A 148 28.49 18.85 1.17
CA CYS A 148 28.39 20.23 0.71
C CYS A 148 26.99 20.74 1.06
N LEU A 149 26.92 22.02 1.42
CA LEU A 149 25.69 22.64 1.88
C LEU A 149 25.36 23.82 0.98
N VAL A 150 24.24 23.73 0.25
CA VAL A 150 23.76 24.79 -0.61
C VAL A 150 22.66 25.53 0.13
N LYS A 151 22.73 26.86 0.12
CA LYS A 151 21.85 27.67 0.96
C LYS A 151 21.44 28.94 0.21
N ASP A 152 20.19 29.37 0.45
CA ASP A 152 19.73 30.71 0.08
C ASP A 152 19.79 30.93 -1.43
N TYR A 153 19.03 30.11 -2.16
CA TYR A 153 18.87 30.27 -3.59
C TYR A 153 17.39 30.21 -3.93
N PHE A 154 17.09 30.57 -5.18
CA PHE A 154 15.74 30.65 -5.72
C PHE A 154 15.68 29.70 -6.92
N PRO A 155 14.62 29.72 -7.76
CA PRO A 155 13.83 28.50 -8.02
C PRO A 155 14.61 27.19 -7.99
N GLU A 156 13.99 26.23 -7.27
CA GLU A 156 14.50 24.98 -6.75
C GLU A 156 15.46 24.18 -7.62
N PRO A 157 15.21 24.02 -8.96
CA PRO A 157 16.09 23.14 -9.74
C PRO A 157 17.58 23.45 -9.58
N VAL A 158 18.28 22.52 -8.95
CA VAL A 158 19.72 22.63 -8.70
C VAL A 158 20.28 21.22 -8.68
N THR A 159 21.49 21.06 -9.21
CA THR A 159 22.12 19.75 -9.34
C THR A 159 23.46 19.74 -8.64
N VAL A 160 23.75 18.67 -7.90
CA VAL A 160 25.00 18.51 -7.20
C VAL A 160 25.62 17.19 -7.61
N SER A 161 26.82 17.25 -8.18
CA SER A 161 27.61 16.07 -8.50
C SER A 161 28.95 16.15 -7.76
N TRP A 162 29.73 15.09 -7.85
CA TRP A 162 31.00 15.01 -7.14
C TRP A 162 32.10 14.58 -8.09
N ASN A 163 33.18 15.37 -8.15
CA ASN A 163 34.33 15.11 -9.02
C ASN A 163 33.89 14.94 -10.47
N SER A 164 33.14 15.93 -10.97
CA SER A 164 32.60 15.93 -12.33
C SER A 164 31.78 14.68 -12.60
N GLY A 165 31.05 14.22 -11.59
CA GLY A 165 30.21 13.04 -11.71
C GLY A 165 30.94 11.72 -11.56
N ALA A 166 32.23 11.73 -11.23
CA ALA A 166 32.96 10.48 -11.07
C ALA A 166 32.51 9.73 -9.82
N LEU A 167 32.19 10.46 -8.75
CA LEU A 167 31.78 9.86 -7.49
C LEU A 167 30.26 9.73 -7.50
N THR A 168 29.78 8.50 -7.69
CA THR A 168 28.35 8.24 -7.81
C THR A 168 27.79 7.41 -6.67
N SER A 169 28.36 6.24 -6.41
CA SER A 169 27.85 5.35 -5.38
C SER A 169 28.20 5.88 -3.99
N GLY A 170 27.25 5.73 -3.06
CA GLY A 170 27.45 6.23 -1.71
C GLY A 170 27.16 7.70 -1.52
N VAL A 171 26.36 8.29 -2.41
CA VAL A 171 26.07 9.72 -2.39
C VAL A 171 24.56 9.91 -2.19
N HIS A 172 24.20 10.84 -1.31
CA HIS A 172 22.82 11.22 -1.07
C HIS A 172 22.65 12.70 -1.35
N THR A 173 21.63 13.05 -2.13
CA THR A 173 21.27 14.43 -2.40
C THR A 173 19.86 14.67 -1.86
N PHE A 174 19.75 15.53 -0.86
CA PHE A 174 18.51 15.68 -0.13
C PHE A 174 17.56 16.63 -0.85
N PRO A 175 16.25 16.48 -0.64
CA PRO A 175 15.30 17.46 -1.19
C PRO A 175 15.49 18.82 -0.54
N ALA A 176 15.18 19.86 -1.32
CA ALA A 176 15.30 21.21 -0.84
C ALA A 176 14.19 21.53 0.17
N VAL A 177 14.53 22.34 1.17
CA VAL A 177 13.59 22.78 2.18
C VAL A 177 13.46 24.30 2.08
N LEU A 178 12.27 24.80 2.41
CA LEU A 178 11.93 26.20 2.25
C LEU A 178 12.16 26.94 3.57
N GLN A 179 13.27 27.65 3.66
CA GLN A 179 13.53 28.51 4.81
C GLN A 179 12.66 29.75 4.76
N SER A 180 12.13 30.12 5.93
CA SER A 180 11.14 31.17 6.10
C SER A 180 11.58 32.51 5.54
N SER A 181 12.86 32.68 5.20
CA SER A 181 13.26 33.85 4.43
C SER A 181 12.79 33.77 2.98
N GLY A 182 11.95 32.79 2.69
CA GLY A 182 11.46 32.58 1.35
C GLY A 182 12.48 31.96 0.42
N LEU A 183 13.43 31.20 0.97
CA LEU A 183 14.53 30.69 0.14
C LEU A 183 14.62 29.19 0.29
N TYR A 184 15.54 28.57 -0.46
CA TYR A 184 15.69 27.13 -0.47
C TYR A 184 17.07 26.72 0.05
N SER A 185 17.10 25.58 0.73
CA SER A 185 18.34 25.01 1.25
C SER A 185 18.38 23.52 0.92
N LEU A 186 19.61 23.01 0.75
CA LEU A 186 19.82 21.64 0.32
C LEU A 186 21.21 21.22 0.78
N SER A 187 21.43 19.91 0.85
CA SER A 187 22.73 19.39 1.22
C SER A 187 22.98 18.08 0.48
N SER A 188 24.25 17.83 0.15
CA SER A 188 24.68 16.60 -0.48
C SER A 188 25.77 15.96 0.36
N VAL A 189 25.58 14.69 0.69
CA VAL A 189 26.53 13.98 1.55
C VAL A 189 27.08 12.77 0.80
N VAL A 190 28.29 12.37 1.17
CA VAL A 190 28.95 11.20 0.60
C VAL A 190 29.63 10.43 1.72
N THR A 191 29.49 9.11 1.68
CA THR A 191 30.20 8.20 2.58
C THR A 191 31.40 7.65 1.83
N VAL A 192 32.59 7.91 2.35
CA VAL A 192 33.84 7.50 1.72
C VAL A 192 34.61 6.67 2.73
N PRO A 193 35.50 5.79 2.26
CA PRO A 193 36.33 5.03 3.19
C PRO A 193 37.21 5.93 4.03
N SER A 194 37.47 5.51 5.27
CA SER A 194 38.28 6.29 6.19
C SER A 194 39.70 6.48 5.66
N SER A 195 40.29 5.40 5.14
CA SER A 195 41.66 5.48 4.61
C SER A 195 41.72 6.25 3.29
N SER A 196 40.59 6.40 2.60
CA SER A 196 40.55 7.11 1.33
C SER A 196 40.31 8.61 1.50
N LEU A 197 40.61 9.16 2.68
CA LEU A 197 40.35 10.56 2.95
C LEU A 197 41.42 11.46 2.33
N GLY A 198 42.67 11.30 2.74
CA GLY A 198 43.75 12.16 2.31
C GLY A 198 44.30 11.88 0.93
N THR A 199 43.84 10.83 0.27
CA THR A 199 44.35 10.47 -1.06
C THR A 199 43.56 11.18 -2.17
N GLN A 200 42.25 10.97 -2.21
CA GLN A 200 41.40 11.54 -3.25
C GLN A 200 40.94 12.93 -2.86
N THR A 201 41.09 13.88 -3.79
CA THR A 201 40.61 15.23 -3.58
C THR A 201 39.13 15.29 -3.92
N TYR A 202 38.30 15.58 -2.92
CA TYR A 202 36.86 15.57 -3.09
C TYR A 202 36.37 16.98 -3.43
N ILE A 203 35.71 17.12 -4.58
CA ILE A 203 35.16 18.38 -5.04
C ILE A 203 33.71 18.15 -5.44
N CYS A 204 32.81 19.01 -4.96
CA CYS A 204 31.41 18.96 -5.31
C CYS A 204 31.10 20.10 -6.28
N ASN A 205 30.39 19.78 -7.35
CA ASN A 205 30.00 20.73 -8.38
C ASN A 205 28.51 20.97 -8.28
N VAL A 206 28.12 22.24 -8.14
CA VAL A 206 26.73 22.63 -7.96
C VAL A 206 26.34 23.53 -9.11
N ASN A 207 25.29 23.13 -9.84
CA ASN A 207 24.80 23.87 -10.99
C ASN A 207 23.38 24.36 -10.68
N HIS A 208 23.18 25.67 -10.79
CA HIS A 208 21.88 26.30 -10.64
C HIS A 208 21.53 26.91 -11.99
N LYS A 209 20.58 26.28 -12.69
CA LYS A 209 20.27 26.69 -14.06
C LYS A 209 19.55 28.03 -14.13
N PRO A 210 18.47 28.28 -13.37
CA PRO A 210 17.78 29.58 -13.50
C PRO A 210 18.67 30.78 -13.28
N SER A 211 19.61 30.71 -12.34
CA SER A 211 20.56 31.78 -12.13
C SER A 211 21.81 31.65 -12.99
N ASN A 212 21.96 30.54 -13.71
CA ASN A 212 23.11 30.30 -14.59
C ASN A 212 24.41 30.39 -13.80
N THR A 213 24.54 29.55 -12.77
CA THR A 213 25.69 29.60 -11.87
C THR A 213 26.18 28.20 -11.59
N LYS A 214 27.40 27.89 -12.02
CA LYS A 214 28.07 26.64 -11.71
C LYS A 214 29.27 26.91 -10.82
N VAL A 215 29.34 26.23 -9.68
CA VAL A 215 30.34 26.50 -8.66
C VAL A 215 30.96 25.18 -8.20
N ASP A 216 32.28 25.17 -8.05
CA ASP A 216 33.00 24.04 -7.51
C ASP A 216 33.42 24.33 -6.07
N LYS A 217 33.41 23.29 -5.23
CA LYS A 217 33.78 23.43 -3.83
C LYS A 217 34.61 22.23 -3.40
N ARG A 218 35.83 22.48 -2.93
CA ARG A 218 36.70 21.44 -2.43
C ARG A 218 36.43 21.20 -0.95
N VAL A 219 36.44 19.94 -0.54
CA VAL A 219 36.21 19.55 0.84
C VAL A 219 37.43 18.80 1.36
N GLU A 220 37.97 19.27 2.48
CA GLU A 220 39.12 18.65 3.13
C GLU A 220 39.27 19.18 4.55
N PRO A 221 39.56 18.31 5.53
CA PRO A 221 39.69 18.71 6.94
C PRO A 221 40.84 19.70 7.17
N ASP B 1 -13.62 13.98 -22.00
CA ASP B 1 -12.66 13.62 -20.97
C ASP B 1 -12.99 12.28 -20.33
N ILE B 2 -12.18 11.27 -20.62
CA ILE B 2 -12.35 9.95 -20.02
C ILE B 2 -11.72 9.96 -18.64
N GLN B 3 -12.47 9.50 -17.64
CA GLN B 3 -11.95 9.41 -16.28
C GLN B 3 -11.28 8.06 -16.07
N MET B 4 -10.04 8.08 -15.57
CA MET B 4 -9.24 6.88 -15.38
C MET B 4 -9.03 6.69 -13.89
N THR B 5 -9.52 5.57 -13.35
CA THR B 5 -9.41 5.26 -11.93
C THR B 5 -8.38 4.16 -11.73
N GLN B 6 -7.43 4.40 -10.83
CA GLN B 6 -6.33 3.48 -10.58
C GLN B 6 -6.43 2.95 -9.16
N SER B 7 -6.12 1.66 -8.99
CA SER B 7 -6.27 1.02 -7.69
C SER B 7 -5.13 0.05 -7.42
N PRO B 8 -4.53 0.07 -6.23
CA PRO B 8 -4.75 1.03 -5.13
C PRO B 8 -3.91 2.28 -5.34
N SER B 9 -3.98 3.24 -4.42
CA SER B 9 -3.19 4.46 -4.56
C SER B 9 -1.86 4.41 -3.84
N SER B 10 -1.66 3.44 -2.94
CA SER B 10 -0.41 3.29 -2.22
C SER B 10 -0.36 1.89 -1.62
N LEU B 11 0.71 1.16 -1.92
CA LEU B 11 0.88 -0.19 -1.40
C LEU B 11 2.33 -0.41 -0.99
N SER B 12 2.53 -1.35 -0.08
CA SER B 12 3.85 -1.72 0.41
C SER B 12 3.99 -3.23 0.34
N ALA B 13 4.97 -3.71 -0.43
CA ALA B 13 5.21 -5.14 -0.58
C ALA B 13 6.70 -5.42 -0.42
N SER B 14 7.00 -6.59 0.14
CA SER B 14 8.38 -7.00 0.34
C SER B 14 9.00 -7.48 -0.97
N VAL B 15 10.31 -7.72 -0.92
CA VAL B 15 11.05 -8.12 -2.12
C VAL B 15 10.62 -9.52 -2.55
N GLY B 16 10.32 -9.67 -3.84
CA GLY B 16 9.88 -10.93 -4.39
C GLY B 16 8.38 -11.16 -4.39
N ASP B 17 7.60 -10.25 -3.79
CA ASP B 17 6.17 -10.41 -3.74
C ASP B 17 5.52 -10.08 -5.09
N ARG B 18 4.30 -10.58 -5.26
CA ARG B 18 3.55 -10.38 -6.49
C ARG B 18 2.67 -9.14 -6.36
N VAL B 19 2.90 -8.15 -7.21
CA VAL B 19 2.20 -6.87 -7.15
C VAL B 19 1.21 -6.80 -8.29
N THR B 20 -0.03 -6.41 -7.99
CA THR B 20 -1.08 -6.29 -8.99
C THR B 20 -1.80 -4.97 -8.80
N ILE B 21 -1.92 -4.19 -9.88
CA ILE B 21 -2.64 -2.93 -9.86
C ILE B 21 -3.65 -2.93 -11.00
N THR B 22 -4.76 -2.22 -10.78
CA THR B 22 -5.90 -2.23 -11.69
C THR B 22 -6.16 -0.83 -12.21
N CYS B 23 -6.54 -0.75 -13.49
CA CYS B 23 -6.90 0.50 -14.14
C CYS B 23 -8.28 0.33 -14.77
N ARG B 24 -9.17 1.29 -14.48
CA ARG B 24 -10.55 1.24 -14.94
C ARG B 24 -10.88 2.52 -15.69
N ALA B 25 -11.62 2.39 -16.79
CA ALA B 25 -11.98 3.51 -17.63
C ALA B 25 -13.49 3.69 -17.65
N SER B 26 -13.92 4.95 -17.83
CA SER B 26 -15.34 5.25 -17.91
C SER B 26 -15.96 4.87 -19.24
N GLN B 27 -15.14 4.69 -20.28
CA GLN B 27 -15.60 4.26 -21.59
C GLN B 27 -14.71 3.13 -22.09
N THR B 28 -15.27 2.31 -22.98
CA THR B 28 -14.51 1.23 -23.59
C THR B 28 -13.39 1.79 -24.44
N ILE B 29 -12.16 1.46 -24.08
CA ILE B 29 -10.97 1.87 -24.82
C ILE B 29 -10.31 0.59 -25.33
N SER B 30 -10.56 0.27 -26.60
CA SER B 30 -10.15 -1.01 -27.17
C SER B 30 -8.64 -1.16 -27.15
N THR B 31 -8.12 -2.05 -26.30
CA THR B 31 -6.71 -2.37 -26.13
C THR B 31 -5.82 -1.13 -26.20
N TYR B 32 -6.30 -0.01 -25.65
CA TYR B 32 -5.63 1.28 -25.74
C TYR B 32 -5.34 1.82 -24.35
N LEU B 33 -4.21 1.39 -23.78
CA LEU B 33 -3.61 2.11 -22.66
C LEU B 33 -2.18 1.64 -22.47
N ASN B 34 -1.38 2.51 -21.88
CA ASN B 34 0.02 2.26 -21.63
C ASN B 34 0.31 2.39 -20.14
N TRP B 35 1.16 1.50 -19.65
CA TRP B 35 1.65 1.54 -18.27
C TRP B 35 3.04 2.14 -18.28
N TYR B 36 3.23 3.19 -17.48
CA TYR B 36 4.49 3.90 -17.35
C TYR B 36 5.00 3.83 -15.91
N GLN B 37 6.33 3.88 -15.78
CA GLN B 37 7.01 3.83 -14.49
C GLN B 37 7.87 5.08 -14.33
N GLN B 38 7.67 5.78 -13.22
CA GLN B 38 8.41 7.02 -12.92
C GLN B 38 9.17 6.83 -11.61
N LYS B 39 10.49 6.67 -11.72
CA LYS B 39 11.35 6.64 -10.55
C LYS B 39 11.50 8.05 -9.97
N PRO B 40 11.80 8.15 -8.68
CA PRO B 40 11.90 9.48 -8.05
C PRO B 40 12.93 10.35 -8.75
N GLY B 41 12.49 11.54 -9.15
CA GLY B 41 13.32 12.50 -9.83
C GLY B 41 13.39 12.34 -11.33
N LYS B 42 13.22 11.12 -11.85
CA LYS B 42 13.36 10.85 -13.26
C LYS B 42 12.02 10.98 -13.98
N ALA B 43 12.05 10.87 -15.33
CA ALA B 43 10.93 10.90 -16.25
C ALA B 43 10.34 9.50 -16.43
N PRO B 44 9.04 9.41 -16.73
CA PRO B 44 8.41 8.10 -16.88
C PRO B 44 9.03 7.29 -18.01
N LYS B 45 9.16 5.99 -17.77
CA LYS B 45 9.57 5.03 -18.79
C LYS B 45 8.36 4.22 -19.25
N LEU B 46 8.29 3.95 -20.54
CA LEU B 46 7.19 3.14 -21.08
C LEU B 46 7.39 1.69 -20.68
N LEU B 47 6.50 1.16 -19.85
CA LEU B 47 6.56 -0.24 -19.46
C LEU B 47 5.75 -1.13 -20.40
N ILE B 48 4.48 -0.78 -20.61
CA ILE B 48 3.58 -1.60 -21.43
C ILE B 48 2.83 -0.68 -22.39
N TYR B 49 2.72 -1.11 -23.64
CA TYR B 49 1.83 -0.48 -24.61
C TYR B 49 0.90 -1.54 -25.20
N ALA B 50 -0.14 -1.08 -25.89
CA ALA B 50 -1.21 -1.93 -26.43
C ALA B 50 -1.90 -2.74 -25.34
N ALA B 51 -1.68 -2.35 -24.08
CA ALA B 51 -2.31 -2.92 -22.89
C ALA B 51 -1.86 -4.35 -22.61
N SER B 52 -1.05 -4.94 -23.50
CA SER B 52 -0.51 -6.27 -23.28
C SER B 52 0.89 -6.49 -23.84
N THR B 53 1.54 -5.48 -24.41
CA THR B 53 2.80 -5.65 -25.11
C THR B 53 3.93 -4.98 -24.34
N LEU B 54 5.07 -5.66 -24.27
CA LEU B 54 6.23 -5.17 -23.53
C LEU B 54 7.09 -4.29 -24.42
N GLN B 55 7.52 -3.15 -23.86
CA GLN B 55 8.46 -2.29 -24.56
C GLN B 55 9.86 -2.90 -24.52
N SER B 56 10.63 -2.65 -25.58
CA SER B 56 11.99 -3.20 -25.67
C SER B 56 12.84 -2.73 -24.51
N GLY B 57 13.61 -3.66 -23.94
CA GLY B 57 14.50 -3.33 -22.85
C GLY B 57 13.87 -3.27 -21.48
N VAL B 58 12.76 -3.95 -21.26
CA VAL B 58 12.07 -3.98 -19.97
C VAL B 58 12.07 -5.42 -19.46
N PRO B 59 12.41 -5.67 -18.21
CA PRO B 59 12.41 -7.05 -17.70
C PRO B 59 11.05 -7.71 -17.81
N SER B 60 11.08 -9.02 -18.04
CA SER B 60 9.87 -9.79 -18.30
C SER B 60 8.95 -9.93 -17.09
N ARG B 61 9.41 -9.53 -15.90
CA ARG B 61 8.56 -9.61 -14.72
C ARG B 61 7.41 -8.62 -14.75
N PHE B 62 7.40 -7.68 -15.69
CA PHE B 62 6.28 -6.78 -15.90
C PHE B 62 5.34 -7.39 -16.92
N SER B 63 4.06 -7.54 -16.55
CA SER B 63 3.08 -8.15 -17.45
C SER B 63 1.80 -7.33 -17.44
N GLY B 64 1.34 -6.94 -18.62
CA GLY B 64 0.09 -6.21 -18.77
C GLY B 64 -1.00 -7.13 -19.31
N SER B 65 -2.23 -6.88 -18.87
CA SER B 65 -3.36 -7.67 -19.31
C SER B 65 -4.63 -6.84 -19.18
N GLY B 66 -5.70 -7.35 -19.77
CA GLY B 66 -7.00 -6.70 -19.70
C GLY B 66 -7.38 -6.04 -21.01
N SER B 67 -8.62 -5.58 -21.05
CA SER B 67 -9.20 -4.97 -22.24
C SER B 67 -10.51 -4.30 -21.83
N GLY B 68 -11.26 -3.80 -22.81
CA GLY B 68 -12.53 -3.16 -22.55
C GLY B 68 -12.38 -1.96 -21.65
N THR B 69 -12.82 -2.10 -20.39
CA THR B 69 -12.69 -1.05 -19.40
C THR B 69 -11.95 -1.52 -18.14
N ASP B 70 -11.36 -2.72 -18.18
CA ASP B 70 -10.66 -3.27 -17.02
C ASP B 70 -9.28 -3.74 -17.45
N PHE B 71 -8.25 -3.27 -16.75
CA PHE B 71 -6.87 -3.58 -17.10
C PHE B 71 -6.07 -3.85 -15.83
N THR B 72 -5.01 -4.65 -15.96
CA THR B 72 -4.23 -5.11 -14.82
C THR B 72 -2.75 -5.14 -15.18
N LEU B 73 -1.94 -4.50 -14.33
CA LEU B 73 -0.49 -4.58 -14.43
C LEU B 73 0.04 -5.44 -13.28
N THR B 74 0.94 -6.36 -13.59
CA THR B 74 1.45 -7.33 -12.63
C THR B 74 2.97 -7.31 -12.64
N ILE B 75 3.56 -7.05 -11.48
CA ILE B 75 4.98 -7.25 -11.25
C ILE B 75 5.15 -8.60 -10.58
N THR B 76 5.85 -9.51 -11.25
CA THR B 76 5.93 -10.89 -10.78
C THR B 76 6.71 -10.98 -9.48
N SER B 77 7.98 -10.57 -9.49
CA SER B 77 8.82 -10.59 -8.31
C SER B 77 9.41 -9.20 -8.12
N LEU B 78 8.98 -8.52 -7.06
CA LEU B 78 9.47 -7.17 -6.79
C LEU B 78 10.97 -7.20 -6.52
N GLN B 79 11.67 -6.20 -7.06
CA GLN B 79 13.09 -6.00 -6.81
C GLN B 79 13.30 -4.61 -6.18
N PRO B 80 14.37 -4.44 -5.41
CA PRO B 80 14.57 -3.15 -4.73
C PRO B 80 14.78 -1.97 -5.68
N GLU B 81 14.82 -2.25 -6.98
CA GLU B 81 14.97 -1.21 -8.00
C GLU B 81 13.63 -0.77 -8.58
N ASP B 82 12.51 -1.34 -8.14
CA ASP B 82 11.19 -1.05 -8.68
C ASP B 82 10.33 -0.26 -7.69
N PHE B 83 10.96 0.66 -6.95
CA PHE B 83 10.27 1.50 -5.98
C PHE B 83 9.45 2.59 -6.64
N ALA B 84 9.56 2.75 -7.95
CA ALA B 84 8.97 3.87 -8.67
C ALA B 84 7.45 3.91 -8.53
N ALA B 85 6.86 5.01 -9.00
CA ALA B 85 5.42 5.13 -9.12
C ALA B 85 4.97 4.63 -10.49
N TYR B 86 3.71 4.24 -10.58
CA TYR B 86 3.19 3.59 -11.78
C TYR B 86 1.90 4.26 -12.22
N TYR B 87 1.79 4.54 -13.52
CA TYR B 87 0.65 5.24 -14.10
C TYR B 87 0.09 4.44 -15.27
N CYS B 88 -1.22 4.56 -15.48
CA CYS B 88 -1.89 4.00 -16.65
C CYS B 88 -2.53 5.15 -17.43
N GLN B 89 -2.29 5.19 -18.73
CA GLN B 89 -2.73 6.30 -19.57
C GLN B 89 -3.44 5.77 -20.81
N GLN B 90 -4.59 6.35 -21.13
CA GLN B 90 -5.34 5.96 -22.32
C GLN B 90 -4.94 6.84 -23.50
N SER B 91 -5.14 6.30 -24.70
CA SER B 91 -4.86 7.02 -25.94
C SER B 91 -6.02 6.90 -26.94
N TYR B 92 -7.19 6.45 -26.48
CA TYR B 92 -8.30 6.22 -27.39
C TYR B 92 -8.92 7.52 -27.88
N SER B 93 -9.15 8.48 -26.98
CA SER B 93 -9.88 9.68 -27.32
C SER B 93 -9.17 10.91 -26.76
N ILE B 94 -9.07 11.94 -27.58
CA ILE B 94 -8.60 13.24 -27.09
C ILE B 94 -9.67 13.83 -26.17
N PRO B 95 -9.29 14.38 -25.00
CA PRO B 95 -7.92 14.54 -24.49
C PRO B 95 -7.34 13.25 -23.92
N LEU B 96 -6.03 13.02 -24.14
CA LEU B 96 -5.36 11.93 -23.47
C LEU B 96 -5.26 12.22 -21.98
N THR B 97 -5.52 11.21 -21.16
CA THR B 97 -5.60 11.38 -19.72
C THR B 97 -4.89 10.25 -19.01
N PHE B 98 -4.20 10.58 -17.92
CA PHE B 98 -3.46 9.61 -17.12
C PHE B 98 -4.32 9.15 -15.94
N GLY B 99 -3.76 8.25 -15.15
CA GLY B 99 -4.40 7.81 -13.92
C GLY B 99 -3.90 8.58 -12.71
N GLY B 100 -4.47 8.24 -11.55
CA GLY B 100 -4.04 8.88 -10.32
C GLY B 100 -2.62 8.54 -9.95
N GLY B 101 -2.18 7.33 -10.24
CA GLY B 101 -0.85 6.88 -9.92
C GLY B 101 -0.83 6.05 -8.65
N THR B 102 0.08 5.07 -8.62
CA THR B 102 0.20 4.15 -7.49
C THR B 102 1.62 4.24 -6.94
N LYS B 103 1.74 4.52 -5.65
CA LYS B 103 3.03 4.57 -4.97
C LYS B 103 3.36 3.17 -4.45
N VAL B 104 4.33 2.53 -5.08
CA VAL B 104 4.78 1.19 -4.68
C VAL B 104 6.01 1.37 -3.80
N GLU B 105 5.83 1.17 -2.49
CA GLU B 105 6.93 1.25 -1.53
C GLU B 105 7.36 -0.16 -1.14
N ILE B 106 8.65 -0.32 -0.92
CA ILE B 106 9.24 -1.63 -0.65
C ILE B 106 9.36 -1.81 0.86
N LYS B 107 8.78 -2.90 1.37
CA LYS B 107 8.72 -3.16 2.80
C LYS B 107 9.68 -4.25 3.24
N GLY B 108 10.46 -4.82 2.31
CA GLY B 108 11.28 -5.97 2.63
C GLY B 108 12.41 -5.69 3.60
N GLN B 109 12.85 -4.44 3.71
CA GLN B 109 14.00 -4.13 4.56
C GLN B 109 13.67 -4.37 6.03
N PRO B 110 14.52 -5.11 6.75
CA PRO B 110 14.34 -5.22 8.20
C PRO B 110 14.78 -3.93 8.89
N LYS B 111 14.37 -3.80 10.15
CA LYS B 111 14.72 -2.62 10.93
C LYS B 111 16.23 -2.49 11.05
N ALA B 112 16.77 -1.40 10.52
CA ALA B 112 18.21 -1.14 10.51
C ALA B 112 18.51 0.16 11.24
N ALA B 113 19.41 0.10 12.20
CA ALA B 113 19.78 1.29 12.95
C ALA B 113 20.51 2.29 12.05
N PRO B 114 20.27 3.58 12.22
CA PRO B 114 20.90 4.58 11.35
C PRO B 114 22.34 4.85 11.75
N SER B 115 23.12 5.31 10.77
CA SER B 115 24.48 5.77 11.00
C SER B 115 24.45 7.28 11.22
N VAL B 116 24.89 7.74 12.38
CA VAL B 116 24.75 9.13 12.79
C VAL B 116 26.07 9.87 12.56
N THR B 117 25.97 11.10 12.06
CA THR B 117 27.13 11.95 11.84
C THR B 117 26.71 13.39 12.04
N LEU B 118 27.69 14.23 12.39
CA LEU B 118 27.43 15.63 12.70
C LEU B 118 28.48 16.50 12.03
N PHE B 119 28.07 17.67 11.56
CA PHE B 119 28.96 18.63 10.90
C PHE B 119 28.76 20.01 11.52
N PRO B 120 29.76 20.55 12.21
CA PRO B 120 29.68 21.92 12.71
C PRO B 120 29.82 22.91 11.57
N PRO B 121 29.39 24.16 11.76
CA PRO B 121 29.45 25.14 10.67
C PRO B 121 30.88 25.46 10.27
N SER B 122 31.03 25.86 9.01
CA SER B 122 32.32 26.22 8.44
C SER B 122 32.60 27.70 8.67
N SER B 123 33.90 28.04 8.65
CA SER B 123 34.30 29.42 8.89
C SER B 123 33.84 30.36 7.78
N GLU B 124 33.73 29.86 6.55
CA GLU B 124 33.26 30.69 5.45
C GLU B 124 31.82 31.15 5.69
N GLU B 125 30.96 30.22 6.12
CA GLU B 125 29.58 30.60 6.43
C GLU B 125 29.52 31.57 7.60
N LEU B 126 30.38 31.36 8.61
CA LEU B 126 30.43 32.28 9.74
C LEU B 126 30.82 33.68 9.29
N GLN B 127 31.78 33.78 8.36
CA GLN B 127 32.08 35.06 7.74
C GLN B 127 30.92 35.56 6.87
N ALA B 128 30.03 34.68 6.44
CA ALA B 128 28.88 35.04 5.63
C ALA B 128 27.64 35.37 6.47
N ASN B 129 27.82 35.70 7.75
CA ASN B 129 26.79 36.23 8.63
C ASN B 129 25.74 35.21 9.05
N LYS B 130 25.93 33.93 8.74
CA LYS B 130 24.99 32.89 9.15
C LYS B 130 25.76 31.71 9.73
N ALA B 131 25.08 30.97 10.61
CA ALA B 131 25.69 29.82 11.28
C ALA B 131 24.71 28.65 11.23
N THR B 132 25.04 27.62 10.45
CA THR B 132 24.20 26.45 10.32
C THR B 132 25.02 25.19 10.57
N LEU B 133 24.52 24.32 11.44
CA LEU B 133 25.12 23.03 11.70
C LEU B 133 24.19 21.93 11.17
N VAL B 134 24.78 20.81 10.76
CA VAL B 134 24.04 19.79 10.03
C VAL B 134 24.17 18.45 10.75
N CYS B 135 23.05 17.87 11.13
CA CYS B 135 23.01 16.51 11.68
C CYS B 135 22.44 15.58 10.61
N LEU B 136 23.03 14.39 10.50
CA LEU B 136 22.70 13.50 9.39
C LEU B 136 22.68 12.06 9.87
N ILE B 137 21.54 11.39 9.69
CA ILE B 137 21.42 9.97 9.95
C ILE B 137 21.16 9.28 8.62
N SER B 138 21.96 8.25 8.32
CA SER B 138 21.97 7.64 7.01
C SER B 138 21.66 6.15 7.09
N ASP B 139 20.96 5.66 6.07
CA ASP B 139 20.74 4.23 5.85
C ASP B 139 20.01 3.56 7.02
N PHE B 140 18.77 4.00 7.24
CA PHE B 140 17.85 3.34 8.15
C PHE B 140 16.52 3.17 7.42
N TYR B 141 15.93 1.98 7.51
CA TYR B 141 14.68 1.72 6.80
C TYR B 141 13.44 2.27 7.52
N PRO B 142 13.14 1.81 8.75
CA PRO B 142 11.75 1.91 9.24
C PRO B 142 11.23 3.33 9.44
N GLY B 143 10.36 3.77 8.53
CA GLY B 143 9.56 4.97 8.73
C GLY B 143 10.38 6.21 9.01
N ALA B 144 9.87 7.05 9.92
CA ALA B 144 10.55 8.25 10.35
C ALA B 144 11.03 8.10 11.79
N VAL B 145 11.92 9.00 12.20
CA VAL B 145 12.54 8.97 13.51
C VAL B 145 12.41 10.35 14.14
N THR B 146 12.96 10.49 15.35
CA THR B 146 12.97 11.74 16.08
C THR B 146 14.41 12.17 16.34
N VAL B 147 14.68 13.44 16.05
CA VAL B 147 15.99 14.06 16.27
C VAL B 147 15.78 15.36 17.02
N ALA B 148 16.42 15.50 18.17
CA ALA B 148 16.35 16.69 19.00
C ALA B 148 17.70 17.39 19.05
N TRP B 149 17.65 18.68 19.38
CA TRP B 149 18.84 19.54 19.42
C TRP B 149 19.02 20.11 20.81
N LYS B 150 20.20 19.94 21.38
CA LYS B 150 20.50 20.38 22.73
C LYS B 150 21.55 21.48 22.71
N ALA B 151 21.21 22.63 23.30
CA ALA B 151 22.13 23.76 23.46
C ALA B 151 22.87 23.62 24.79
N ASP B 152 23.73 22.60 24.80
CA ASP B 152 24.65 22.21 25.88
C ASP B 152 23.93 21.58 27.07
N SER B 153 22.62 21.83 27.22
CA SER B 153 21.81 20.99 28.08
C SER B 153 20.33 20.96 27.72
N SER B 154 19.89 21.69 26.70
CA SER B 154 18.48 22.09 26.59
C SER B 154 17.94 21.81 25.19
N PRO B 155 16.86 21.04 25.07
CA PRO B 155 16.24 20.83 23.76
C PRO B 155 15.75 22.14 23.16
N VAL B 156 16.22 22.44 21.94
CA VAL B 156 15.83 23.63 21.20
C VAL B 156 14.72 23.24 20.23
N LYS B 157 13.69 24.09 20.15
CA LYS B 157 12.52 23.78 19.33
C LYS B 157 12.52 24.50 17.99
N ALA B 158 13.10 25.69 17.91
CA ALA B 158 13.07 26.49 16.69
C ALA B 158 14.38 26.40 15.94
N GLY B 159 14.31 26.60 14.63
CA GLY B 159 15.49 26.56 13.78
C GLY B 159 15.82 25.20 13.20
N VAL B 160 14.95 24.20 13.34
CA VAL B 160 15.20 22.86 12.86
C VAL B 160 14.53 22.70 11.50
N GLU B 161 15.29 22.26 10.50
CA GLU B 161 14.77 21.97 9.17
C GLU B 161 15.14 20.54 8.81
N THR B 162 14.13 19.67 8.69
CA THR B 162 14.34 18.25 8.49
C THR B 162 13.84 17.82 7.11
N THR B 163 14.66 17.03 6.41
CA THR B 163 14.31 16.48 5.11
C THR B 163 14.68 15.00 5.06
N THR B 164 14.01 14.29 4.15
CA THR B 164 14.15 12.85 3.98
C THR B 164 14.11 12.51 2.49
N PRO B 165 15.00 11.63 2.02
CA PRO B 165 14.94 11.22 0.62
C PRO B 165 14.01 10.04 0.40
N SER B 166 13.93 9.54 -0.82
CA SER B 166 13.14 8.38 -1.14
C SER B 166 13.97 7.11 -0.93
N LYS B 167 13.33 5.96 -1.13
CA LYS B 167 14.02 4.69 -0.93
C LYS B 167 15.09 4.50 -1.99
N GLN B 168 16.25 4.01 -1.56
CA GLN B 168 17.39 3.81 -2.44
C GLN B 168 17.30 2.44 -3.11
N SER B 169 18.37 2.04 -3.79
CA SER B 169 18.44 0.69 -4.33
C SER B 169 18.59 -0.37 -3.25
N ASN B 170 18.94 0.03 -2.03
CA ASN B 170 18.97 -0.87 -0.88
C ASN B 170 17.84 -0.59 0.09
N ASN B 171 16.91 0.29 -0.28
CA ASN B 171 15.69 0.56 0.50
C ASN B 171 16.02 1.13 1.88
N LYS B 172 16.78 2.23 1.89
CA LYS B 172 17.19 2.87 3.13
C LYS B 172 16.96 4.38 3.03
N TYR B 173 16.63 4.98 4.17
CA TYR B 173 16.41 6.42 4.28
C TYR B 173 17.63 7.10 4.88
N ALA B 174 17.62 8.44 4.86
CA ALA B 174 18.69 9.23 5.46
C ALA B 174 18.11 10.58 5.84
N ALA B 175 17.71 10.74 7.10
CA ALA B 175 17.15 12.00 7.56
C ALA B 175 18.27 13.02 7.77
N SER B 176 18.14 14.18 7.11
CA SER B 176 19.06 15.28 7.31
C SER B 176 18.34 16.42 8.01
N SER B 177 19.07 17.16 8.84
CA SER B 177 18.43 18.25 9.57
C SER B 177 19.43 19.36 9.85
N TYR B 178 19.05 20.58 9.48
CA TYR B 178 19.84 21.77 9.73
C TYR B 178 19.34 22.48 10.97
N LEU B 179 20.28 23.00 11.76
CA LEU B 179 20.00 23.98 12.79
C LEU B 179 20.67 25.29 12.38
N SER B 180 19.86 26.32 12.17
CA SER B 180 20.33 27.61 11.67
C SER B 180 20.12 28.69 12.72
N LEU B 181 21.10 29.57 12.85
CA LEU B 181 21.06 30.67 13.81
C LEU B 181 22.19 31.64 13.49
N THR B 182 22.12 32.82 14.10
CA THR B 182 23.11 33.85 13.87
C THR B 182 24.45 33.48 14.50
N PRO B 183 25.55 34.06 14.01
CA PRO B 183 26.86 33.75 14.61
C PRO B 183 26.96 34.08 16.09
N GLU B 184 26.24 35.10 16.57
CA GLU B 184 26.30 35.44 17.99
C GLU B 184 25.78 34.30 18.86
N GLN B 185 24.61 33.76 18.52
CA GLN B 185 24.07 32.64 19.27
C GLN B 185 24.87 31.37 19.03
N TRP B 186 25.60 31.28 17.92
CA TRP B 186 26.47 30.12 17.69
C TRP B 186 27.69 30.18 18.59
N LYS B 187 28.23 31.38 18.83
CA LYS B 187 29.43 31.53 19.64
C LYS B 187 29.13 31.69 21.13
N SER B 188 27.88 31.98 21.50
CA SER B 188 27.54 32.13 22.90
C SER B 188 27.53 30.81 23.65
N HIS B 189 27.35 29.68 22.96
CA HIS B 189 27.27 28.37 23.57
C HIS B 189 28.47 27.52 23.16
N ARG B 190 28.75 26.49 23.96
CA ARG B 190 29.97 25.70 23.80
C ARG B 190 29.72 24.37 23.08
N SER B 191 28.86 23.52 23.64
CA SER B 191 28.71 22.16 23.14
C SER B 191 27.31 21.96 22.57
N TYR B 192 27.25 21.66 21.27
CA TYR B 192 25.98 21.42 20.60
C TYR B 192 25.75 19.92 20.43
N SER B 193 24.54 19.46 20.74
CA SER B 193 24.22 18.04 20.73
C SER B 193 23.08 17.74 19.79
N CYS B 194 23.23 16.66 19.01
CA CYS B 194 22.17 16.09 18.20
C CYS B 194 21.81 14.72 18.78
N GLN B 195 20.54 14.51 19.06
CA GLN B 195 20.06 13.32 19.76
C GLN B 195 19.01 12.62 18.91
N VAL B 196 19.37 11.46 18.35
CA VAL B 196 18.48 10.67 17.50
C VAL B 196 17.99 9.47 18.29
N THR B 197 16.67 9.21 18.21
CA THR B 197 16.05 8.10 18.93
C THR B 197 15.45 7.14 17.91
N HIS B 198 16.06 5.95 17.78
CA HIS B 198 15.56 4.96 16.82
C HIS B 198 16.13 3.58 17.11
N GLU B 199 15.24 2.62 17.33
CA GLU B 199 15.51 1.17 17.21
C GLU B 199 16.87 0.78 17.80
N GLY B 200 16.99 0.98 19.10
CA GLY B 200 18.20 0.66 19.83
C GLY B 200 18.20 1.33 21.18
N SER B 201 19.29 2.02 21.50
CA SER B 201 19.35 2.93 22.64
C SER B 201 19.68 4.31 22.11
N THR B 202 18.97 5.32 22.59
CA THR B 202 19.04 6.68 22.05
C THR B 202 20.47 7.13 21.86
N VAL B 203 20.82 7.49 20.62
CA VAL B 203 22.18 7.87 20.26
C VAL B 203 22.25 9.38 20.23
N GLU B 204 23.45 9.92 20.48
CA GLU B 204 23.65 11.36 20.39
C GLU B 204 25.12 11.64 20.10
N LYS B 205 25.34 12.70 19.33
CA LYS B 205 26.66 13.20 19.01
C LYS B 205 26.75 14.67 19.41
N THR B 206 27.98 15.15 19.59
CA THR B 206 28.18 16.51 20.08
C THR B 206 29.42 17.12 19.44
N VAL B 207 29.40 18.45 19.36
CA VAL B 207 30.54 19.22 18.85
C VAL B 207 30.83 20.36 19.81
N ALA B 208 32.10 20.75 19.86
CA ALA B 208 32.56 21.92 20.61
C ALA B 208 33.59 22.59 19.71
N PRO B 209 33.52 23.92 19.55
CA PRO B 209 34.39 24.58 18.56
C PRO B 209 35.86 24.55 18.96
N THR B 210 36.65 23.78 18.23
CA THR B 210 38.08 23.66 18.50
C THR B 210 38.88 24.46 17.49
N GLN C 1 -23.79 -20.76 15.09
CA GLN C 1 -24.03 -19.70 16.04
C GLN C 1 -23.58 -20.10 17.45
N VAL C 2 -22.62 -21.02 17.52
CA VAL C 2 -22.12 -21.47 18.82
C VAL C 2 -21.08 -20.47 19.33
N GLN C 3 -20.88 -20.47 20.64
CA GLN C 3 -20.01 -19.48 21.26
C GLN C 3 -18.96 -20.15 22.13
N LEU C 4 -17.84 -19.45 22.32
CA LEU C 4 -16.73 -19.93 23.13
C LEU C 4 -16.24 -18.79 24.01
N GLN C 5 -15.83 -19.11 25.23
CA GLN C 5 -15.33 -18.10 26.15
C GLN C 5 -14.07 -18.62 26.85
N GLU C 6 -13.03 -17.79 26.87
CA GLU C 6 -11.81 -18.09 27.60
C GLU C 6 -11.92 -17.58 29.03
N SER C 7 -11.31 -18.32 29.96
CA SER C 7 -11.38 -18.02 31.38
C SER C 7 -10.00 -18.13 32.01
N GLY C 8 -9.00 -17.51 31.38
CA GLY C 8 -7.63 -17.60 31.85
C GLY C 8 -7.17 -16.34 32.56
N PRO C 9 -6.17 -16.50 33.44
CA PRO C 9 -5.60 -15.32 34.11
C PRO C 9 -4.81 -14.46 33.15
N GLY C 10 -5.00 -13.14 33.27
CA GLY C 10 -4.34 -12.18 32.41
C GLY C 10 -2.92 -11.82 32.78
N LEU C 11 -2.41 -12.34 33.90
CA LEU C 11 -1.06 -12.04 34.34
C LEU C 11 -0.42 -13.32 34.86
N VAL C 12 0.73 -13.67 34.30
CA VAL C 12 1.48 -14.86 34.70
C VAL C 12 2.95 -14.49 34.83
N LYS C 13 3.53 -14.79 35.99
CA LYS C 13 4.94 -14.52 36.19
C LYS C 13 5.79 -15.48 35.36
N PRO C 14 6.98 -15.06 34.94
CA PRO C 14 7.80 -15.89 34.04
C PRO C 14 8.22 -17.20 34.69
N SER C 15 8.51 -18.18 33.83
CA SER C 15 8.93 -19.53 34.18
C SER C 15 7.84 -20.34 34.88
N GLU C 16 6.61 -19.86 34.88
CA GLU C 16 5.48 -20.56 35.48
C GLU C 16 4.72 -21.32 34.40
N THR C 17 3.55 -21.84 34.76
CA THR C 17 2.71 -22.60 33.84
C THR C 17 1.43 -21.81 33.58
N LEU C 18 1.20 -21.44 32.32
CA LEU C 18 -0.02 -20.76 31.93
C LEU C 18 -1.12 -21.80 31.68
N SER C 19 -2.29 -21.55 32.27
CA SER C 19 -3.44 -22.45 32.14
C SER C 19 -4.64 -21.66 31.70
N LEU C 20 -5.19 -22.00 30.54
CA LEU C 20 -6.41 -21.40 30.03
C LEU C 20 -7.47 -22.47 29.87
N THR C 21 -8.74 -22.05 29.90
CA THR C 21 -9.85 -22.97 29.73
C THR C 21 -10.90 -22.32 28.85
N CYS C 22 -11.20 -22.95 27.72
CA CYS C 22 -12.24 -22.48 26.80
C CYS C 22 -13.51 -23.29 27.04
N ILE C 23 -14.58 -22.59 27.39
CA ILE C 23 -15.88 -23.19 27.62
C ILE C 23 -16.75 -22.90 26.40
N VAL C 24 -17.39 -23.94 25.88
CA VAL C 24 -18.22 -23.84 24.69
C VAL C 24 -19.69 -23.85 25.10
N SER C 25 -20.51 -23.15 24.33
CA SER C 25 -21.95 -23.08 24.55
C SER C 25 -22.65 -23.02 23.20
N GLY C 26 -23.92 -23.40 23.21
CA GLY C 26 -24.65 -23.59 21.97
C GLY C 26 -24.56 -25.02 21.51
N GLY C 27 -23.61 -25.29 20.61
CA GLY C 27 -23.32 -26.65 20.19
C GLY C 27 -22.53 -27.40 21.24
N SER C 28 -22.05 -28.57 20.84
CA SER C 28 -21.34 -29.46 21.75
C SER C 28 -19.87 -29.55 21.38
N ILE C 29 -19.11 -30.24 22.23
CA ILE C 29 -17.67 -30.35 22.09
C ILE C 29 -17.25 -31.51 21.20
N SER C 30 -18.21 -32.23 20.62
CA SER C 30 -17.92 -33.42 19.84
C SER C 30 -17.91 -33.11 18.35
N ARG C 31 -17.57 -34.14 17.56
CA ARG C 31 -17.65 -34.21 16.10
C ARG C 31 -16.87 -33.11 15.38
N TYR C 32 -16.05 -32.35 16.10
CA TYR C 32 -15.27 -31.27 15.51
C TYR C 32 -13.86 -31.28 16.06
N TYR C 33 -12.99 -30.51 15.42
CA TYR C 33 -11.66 -30.23 15.95
C TYR C 33 -11.71 -28.92 16.71
N TRP C 34 -11.00 -28.86 17.83
CA TRP C 34 -10.99 -27.67 18.68
C TRP C 34 -9.56 -27.20 18.86
N SER C 35 -9.30 -25.93 18.53
CA SER C 35 -7.94 -25.45 18.32
C SER C 35 -7.67 -24.19 19.12
N TRP C 36 -6.39 -23.90 19.29
CA TRP C 36 -5.90 -22.71 19.98
C TRP C 36 -4.97 -21.93 19.06
N ILE C 37 -5.07 -20.60 19.11
CA ILE C 37 -4.28 -19.73 18.24
C ILE C 37 -3.85 -18.50 19.02
N ARG C 38 -2.55 -18.21 18.99
CA ARG C 38 -1.98 -17.04 19.64
C ARG C 38 -1.86 -15.88 18.64
N GLN C 39 -1.72 -14.68 19.18
CA GLN C 39 -1.34 -13.53 18.36
C GLN C 39 -0.58 -12.51 19.19
N PRO C 40 0.71 -12.32 18.94
CA PRO C 40 1.49 -11.32 19.67
C PRO C 40 0.90 -9.93 19.53
N PRO C 41 1.28 -8.98 20.38
CA PRO C 41 0.61 -7.67 20.37
C PRO C 41 0.67 -6.95 19.04
N GLY C 42 1.74 -7.12 18.26
CA GLY C 42 1.84 -6.44 16.99
C GLY C 42 2.06 -7.35 15.80
N ARG C 43 2.40 -8.61 16.07
CA ARG C 43 2.72 -9.56 15.02
C ARG C 43 1.44 -10.21 14.47
N GLY C 44 1.62 -11.09 13.49
CA GLY C 44 0.54 -11.92 13.03
C GLY C 44 0.27 -13.08 13.98
N LEU C 45 -0.82 -13.78 13.73
CA LEU C 45 -1.29 -14.83 14.63
C LEU C 45 -0.78 -16.20 14.16
N GLU C 46 -0.48 -17.06 15.13
CA GLU C 46 0.09 -18.38 14.88
C GLU C 46 -0.75 -19.45 15.57
N TRP C 47 -0.89 -20.61 14.93
CA TRP C 47 -1.65 -21.72 15.48
C TRP C 47 -0.76 -22.54 16.42
N ILE C 48 -1.27 -22.85 17.61
CA ILE C 48 -0.47 -23.59 18.59
C ILE C 48 -0.85 -25.06 18.65
N GLY C 49 -2.14 -25.39 18.60
CA GLY C 49 -2.51 -26.80 18.61
C GLY C 49 -4.00 -26.97 18.46
N ASN C 50 -4.40 -28.23 18.22
CA ASN C 50 -5.80 -28.61 18.16
C ASN C 50 -5.96 -30.03 18.67
N ILE C 51 -7.20 -30.39 19.00
CA ILE C 51 -7.49 -31.67 19.65
C ILE C 51 -8.83 -32.19 19.13
N TYR C 52 -8.91 -33.50 18.92
CA TYR C 52 -10.14 -34.17 18.55
C TYR C 52 -10.91 -34.55 19.82
N TYR C 53 -12.11 -35.11 19.64
CA TYR C 53 -12.91 -35.47 20.80
C TYR C 53 -12.44 -36.76 21.48
N THR C 54 -11.50 -37.49 20.87
CA THR C 54 -10.87 -38.66 21.49
C THR C 54 -9.37 -38.50 21.39
N GLY C 55 -8.78 -37.76 22.33
CA GLY C 55 -7.35 -37.51 22.32
C GLY C 55 -6.90 -36.96 20.98
N THR C 56 -5.89 -37.61 20.40
CA THR C 56 -5.41 -37.35 19.05
C THR C 56 -5.12 -35.85 18.85
N THR C 57 -4.14 -35.36 19.60
CA THR C 57 -3.78 -33.96 19.59
C THR C 57 -2.73 -33.69 18.52
N ASN C 58 -2.87 -32.57 17.83
CA ASN C 58 -1.87 -32.08 16.90
C ASN C 58 -1.27 -30.79 17.46
N TYR C 59 0.06 -30.75 17.54
CA TYR C 59 0.78 -29.63 18.14
C TYR C 59 1.71 -29.00 17.13
N ASN C 60 1.90 -27.70 17.26
CA ASN C 60 2.89 -27.00 16.46
C ASN C 60 4.28 -27.34 16.97
N PRO C 61 5.17 -27.90 16.13
CA PRO C 61 6.46 -28.39 16.64
C PRO C 61 7.41 -27.32 17.12
N SER C 62 7.13 -26.03 16.85
CA SER C 62 8.00 -24.98 17.35
C SER C 62 8.06 -24.96 18.87
N LEU C 63 6.97 -25.35 19.54
CA LEU C 63 6.95 -25.44 20.99
C LEU C 63 6.17 -26.68 21.45
N GLN C 64 6.25 -27.77 20.69
CA GLN C 64 5.60 -29.02 21.08
C GLN C 64 6.12 -29.55 22.42
N SER C 65 7.34 -29.18 22.80
CA SER C 65 7.92 -29.65 24.06
C SER C 65 7.30 -29.01 25.29
N ARG C 66 6.51 -27.94 25.13
CA ARG C 66 6.01 -27.18 26.25
C ARG C 66 4.49 -27.12 26.35
N VAL C 67 3.76 -27.57 25.34
CA VAL C 67 2.33 -27.31 25.25
C VAL C 67 1.55 -28.61 25.34
N THR C 68 0.36 -28.53 25.95
CA THR C 68 -0.58 -29.63 25.99
C THR C 68 -2.00 -29.08 25.94
N ILE C 69 -2.93 -29.90 25.45
CA ILE C 69 -4.33 -29.55 25.38
C ILE C 69 -5.15 -30.69 25.98
N SER C 70 -6.07 -30.34 26.88
CA SER C 70 -6.89 -31.31 27.58
C SER C 70 -8.36 -31.09 27.24
N LEU C 71 -9.16 -32.16 27.37
CA LEU C 71 -10.57 -32.15 27.01
C LEU C 71 -11.43 -32.52 28.20
N ASP C 72 -12.58 -31.87 28.32
CA ASP C 72 -13.54 -32.05 29.40
C ASP C 72 -14.94 -32.12 28.79
N THR C 73 -15.11 -33.07 27.87
CA THR C 73 -16.40 -33.39 27.26
C THR C 73 -17.55 -33.42 28.27
N SER C 74 -17.29 -33.96 29.46
CA SER C 74 -18.35 -34.03 30.48
C SER C 74 -18.85 -32.65 30.86
N LYS C 75 -17.94 -31.68 30.98
CA LYS C 75 -18.30 -30.30 31.24
C LYS C 75 -18.34 -29.45 29.98
N ASN C 76 -18.15 -30.07 28.81
CA ASN C 76 -18.18 -29.38 27.52
C ASN C 76 -17.16 -28.23 27.48
N GLN C 77 -15.90 -28.56 27.78
CA GLN C 77 -14.86 -27.53 27.74
C GLN C 77 -13.54 -28.17 27.32
N PHE C 78 -12.54 -27.32 27.13
CA PHE C 78 -11.21 -27.82 26.84
C PHE C 78 -10.16 -26.78 27.24
N SER C 79 -9.06 -27.28 27.79
CA SER C 79 -8.06 -26.42 28.42
C SER C 79 -6.74 -26.49 27.67
N LEU C 80 -5.97 -25.41 27.81
CA LEU C 80 -4.64 -25.28 27.22
C LEU C 80 -3.63 -25.07 28.33
N ARG C 81 -2.52 -25.80 28.27
CA ARG C 81 -1.46 -25.70 29.26
C ARG C 81 -0.15 -25.41 28.55
N LEU C 82 0.54 -24.35 28.98
CA LEU C 82 1.80 -23.92 28.39
C LEU C 82 2.81 -23.76 29.51
N THR C 83 3.78 -24.67 29.57
CA THR C 83 4.75 -24.69 30.66
C THR C 83 5.97 -23.82 30.32
N SER C 84 6.62 -23.32 31.37
CA SER C 84 7.83 -22.53 31.26
C SER C 84 7.63 -21.32 30.34
N VAL C 85 6.72 -20.44 30.77
CA VAL C 85 6.35 -19.29 29.96
C VAL C 85 7.48 -18.27 29.96
N THR C 86 7.90 -17.86 28.77
CA THR C 86 8.90 -16.83 28.60
C THR C 86 8.21 -15.50 28.30
N ALA C 87 9.00 -14.47 27.98
CA ALA C 87 8.43 -13.18 27.66
C ALA C 87 7.79 -13.15 26.27
N ALA C 88 8.21 -14.04 25.37
CA ALA C 88 7.68 -14.05 24.01
C ALA C 88 6.27 -14.63 23.92
N ASP C 89 5.77 -15.26 24.98
CA ASP C 89 4.44 -15.87 24.95
C ASP C 89 3.33 -14.87 25.25
N THR C 90 3.65 -13.60 25.51
CA THR C 90 2.63 -12.58 25.71
C THR C 90 1.87 -12.37 24.41
N ALA C 91 0.58 -12.71 24.40
CA ALA C 91 -0.21 -12.67 23.19
C ALA C 91 -1.68 -12.74 23.55
N VAL C 92 -2.53 -12.53 22.54
CA VAL C 92 -3.96 -12.75 22.66
C VAL C 92 -4.25 -14.18 22.25
N TYR C 93 -4.97 -14.92 23.09
CA TYR C 93 -5.16 -16.35 22.92
C TYR C 93 -6.62 -16.62 22.56
N TYR C 94 -6.87 -17.02 21.31
CA TYR C 94 -8.20 -17.41 20.85
C TYR C 94 -8.33 -18.92 20.92
N CYS C 95 -9.50 -19.38 21.35
CA CYS C 95 -9.92 -20.77 21.18
C CYS C 95 -10.99 -20.81 20.09
N ALA C 96 -10.85 -21.73 19.14
CA ALA C 96 -11.72 -21.72 17.98
C ALA C 96 -12.03 -23.16 17.57
N ARG C 97 -12.87 -23.29 16.55
CA ARG C 97 -13.34 -24.58 16.07
C ARG C 97 -12.96 -24.78 14.61
N ILE C 98 -12.59 -26.02 14.27
CA ILE C 98 -12.24 -26.41 12.92
C ILE C 98 -13.16 -27.56 12.51
N GLY C 99 -13.84 -27.40 11.38
CA GLY C 99 -14.78 -28.40 10.89
C GLY C 99 -14.83 -28.45 9.40
N GLY C 100 -16.03 -28.64 8.84
CA GLY C 100 -16.20 -28.73 7.41
C GLY C 100 -16.09 -30.16 6.90
N VAL C 101 -17.08 -30.61 6.15
CA VAL C 101 -17.12 -31.98 5.63
C VAL C 101 -17.26 -31.88 4.11
N SER C 102 -16.12 -31.85 3.43
CA SER C 102 -16.00 -31.91 1.97
C SER C 102 -14.51 -32.01 1.69
N PHE C 103 -14.16 -32.05 0.41
CA PHE C 103 -12.73 -32.17 0.07
C PHE C 103 -11.93 -30.98 0.59
N GLY C 104 -12.23 -29.79 0.08
CA GLY C 104 -11.40 -28.62 0.35
C GLY C 104 -11.79 -27.82 1.57
N GLU C 105 -12.69 -28.30 2.42
CA GLU C 105 -13.24 -27.54 3.53
C GLU C 105 -12.62 -28.02 4.84
N ARG C 106 -11.72 -27.21 5.39
CA ARG C 106 -11.25 -27.38 6.77
C ARG C 106 -10.91 -26.02 7.35
N PRO C 107 -11.92 -25.17 7.55
CA PRO C 107 -11.67 -23.80 8.01
C PRO C 107 -11.76 -23.67 9.53
N ILE C 108 -11.13 -22.62 10.02
CA ILE C 108 -11.32 -22.19 11.42
C ILE C 108 -12.48 -21.21 11.38
N ASP C 109 -13.69 -21.76 11.40
CA ASP C 109 -14.88 -20.97 11.12
C ASP C 109 -15.31 -20.14 12.32
N TYR C 110 -15.49 -20.80 13.47
CA TYR C 110 -16.04 -20.14 14.66
C TYR C 110 -14.90 -19.85 15.63
N TRP C 111 -14.60 -18.58 15.80
CA TRP C 111 -13.53 -18.11 16.67
C TRP C 111 -14.08 -17.70 18.03
N GLY C 112 -13.25 -17.82 19.05
CA GLY C 112 -13.58 -17.32 20.37
C GLY C 112 -13.35 -15.83 20.49
N GLN C 113 -13.62 -15.32 21.69
CA GLN C 113 -13.44 -13.89 21.93
C GLN C 113 -11.97 -13.53 22.12
N GLY C 114 -11.17 -14.42 22.68
CA GLY C 114 -9.75 -14.16 22.88
C GLY C 114 -9.44 -13.45 24.18
N THR C 115 -8.45 -13.96 24.91
CA THR C 115 -8.00 -13.37 26.16
C THR C 115 -6.55 -12.95 26.05
N LEU C 116 -6.20 -11.87 26.75
CA LEU C 116 -4.85 -11.33 26.74
C LEU C 116 -4.12 -11.83 27.98
N VAL C 117 -2.97 -12.46 27.76
CA VAL C 117 -2.15 -13.00 28.85
C VAL C 117 -0.78 -12.32 28.74
N THR C 118 -0.54 -11.32 29.57
CA THR C 118 0.75 -10.66 29.64
C THR C 118 1.59 -11.28 30.76
N VAL C 119 2.88 -11.42 30.51
CA VAL C 119 3.81 -11.97 31.47
C VAL C 119 4.78 -10.89 31.90
N SER C 120 5.02 -10.79 33.20
CA SER C 120 5.90 -9.79 33.79
C SER C 120 6.12 -10.15 35.25
N SER C 121 6.85 -9.30 35.97
CA SER C 121 7.17 -9.51 37.38
C SER C 121 6.59 -8.36 38.19
N ALA C 122 5.33 -8.50 38.58
CA ALA C 122 4.63 -7.57 39.46
C ALA C 122 3.44 -8.31 40.07
N SER C 123 2.52 -7.57 40.68
CA SER C 123 1.34 -8.19 41.28
C SER C 123 0.05 -7.81 40.57
N THR C 124 -0.30 -6.53 40.57
CA THR C 124 -1.50 -6.02 39.90
C THR C 124 -1.60 -4.52 40.20
N LYS C 125 -2.58 -3.87 39.55
CA LYS C 125 -2.96 -2.51 39.91
C LYS C 125 -4.30 -2.19 39.26
N GLY C 126 -5.21 -1.64 40.04
CA GLY C 126 -6.49 -1.20 39.52
C GLY C 126 -6.39 0.18 38.90
N PRO C 127 -7.34 0.50 38.03
CA PRO C 127 -7.31 1.78 37.33
C PRO C 127 -7.82 2.92 38.19
N SER C 128 -7.41 4.14 37.81
CA SER C 128 -7.91 5.36 38.41
C SER C 128 -8.60 6.20 37.35
N VAL C 129 -9.83 6.61 37.62
CA VAL C 129 -10.69 7.28 36.64
C VAL C 129 -10.84 8.73 37.02
N PHE C 130 -10.68 9.62 36.04
CA PHE C 130 -10.82 11.05 36.24
C PHE C 130 -11.68 11.65 35.12
N PRO C 131 -12.66 12.48 35.43
CA PRO C 131 -13.53 13.04 34.39
C PRO C 131 -12.86 14.16 33.62
N LEU C 132 -13.46 14.48 32.47
CA LEU C 132 -13.02 15.59 31.62
C LEU C 132 -14.29 16.24 31.08
N ALA C 133 -14.70 17.37 31.71
CA ALA C 133 -15.93 18.08 31.41
C ALA C 133 -15.68 19.20 30.41
N PRO C 134 -16.68 19.50 29.55
CA PRO C 134 -16.57 20.58 28.58
C PRO C 134 -16.55 21.96 29.23
N GLY C 142 -18.99 24.04 17.69
CA GLY C 142 -20.03 23.30 17.02
C GLY C 142 -20.84 22.41 17.95
N THR C 143 -20.21 21.35 18.45
CA THR C 143 -20.84 20.42 19.36
C THR C 143 -20.01 20.32 20.64
N ALA C 144 -20.44 19.44 21.55
CA ALA C 144 -19.79 19.25 22.83
C ALA C 144 -18.99 17.97 22.84
N ALA C 145 -17.90 17.96 23.62
CA ALA C 145 -17.05 16.78 23.76
C ALA C 145 -16.70 16.59 25.23
N LEU C 146 -16.91 15.37 25.73
CA LEU C 146 -16.62 15.04 27.12
C LEU C 146 -15.92 13.70 27.20
N GLY C 147 -15.11 13.50 28.24
CA GLY C 147 -14.30 12.31 28.28
C GLY C 147 -14.05 11.77 29.68
N CYS C 148 -13.52 10.55 29.70
CA CYS C 148 -13.01 9.89 30.90
C CYS C 148 -11.56 9.52 30.67
N LEU C 149 -10.75 9.65 31.71
CA LEU C 149 -9.31 9.36 31.64
C LEU C 149 -9.00 8.26 32.64
N VAL C 150 -8.60 7.10 32.13
CA VAL C 150 -8.18 5.96 32.93
C VAL C 150 -6.66 5.98 33.02
N LYS C 151 -6.13 5.84 34.24
CA LYS C 151 -4.71 6.05 34.46
C LYS C 151 -4.18 5.03 35.46
N ASP C 152 -2.92 4.65 35.26
CA ASP C 152 -2.13 3.93 36.26
C ASP C 152 -2.77 2.59 36.63
N TYR C 153 -2.88 1.73 35.62
CA TYR C 153 -3.34 0.36 35.83
C TYR C 153 -2.37 -0.61 35.19
N PHE C 154 -2.57 -1.88 35.47
CA PHE C 154 -1.73 -2.98 34.99
C PHE C 154 -2.64 -3.94 34.22
N PRO C 155 -2.18 -5.16 33.85
CA PRO C 155 -2.23 -5.60 32.44
C PRO C 155 -3.35 -5.07 31.58
N GLU C 156 -2.94 -4.66 30.37
CA GLU C 156 -3.69 -3.83 29.42
C GLU C 156 -5.20 -4.06 29.34
N PRO C 157 -5.72 -5.30 29.20
CA PRO C 157 -7.17 -5.45 28.91
C PRO C 157 -8.08 -4.68 29.85
N VAL C 158 -8.76 -3.68 29.29
CA VAL C 158 -9.70 -2.83 30.02
C VAL C 158 -10.75 -2.35 29.02
N THR C 159 -12.00 -2.30 29.47
CA THR C 159 -13.12 -1.94 28.60
C THR C 159 -13.83 -0.71 29.13
N VAL C 160 -14.19 0.20 28.23
CA VAL C 160 -14.89 1.43 28.58
C VAL C 160 -16.19 1.49 27.80
N SER C 161 -17.30 1.66 28.52
CA SER C 161 -18.61 1.85 27.92
C SER C 161 -19.23 3.12 28.48
N TRP C 162 -20.37 3.52 27.91
CA TRP C 162 -21.04 4.75 28.32
C TRP C 162 -22.52 4.45 28.57
N ASN C 163 -22.98 4.78 29.77
CA ASN C 163 -24.37 4.56 30.18
C ASN C 163 -24.79 3.11 29.97
N SER C 164 -23.96 2.19 30.47
CA SER C 164 -24.17 0.75 30.32
C SER C 164 -24.29 0.35 28.85
N GLY C 165 -23.50 1.00 28.00
CA GLY C 165 -23.51 0.73 26.58
C GLY C 165 -24.62 1.38 25.80
N ALA C 166 -25.46 2.21 26.44
CA ALA C 166 -26.53 2.88 25.70
C ALA C 166 -25.99 3.89 24.70
N LEU C 167 -24.88 4.54 25.02
CA LEU C 167 -24.27 5.54 24.15
C LEU C 167 -23.15 4.86 23.35
N THR C 168 -23.40 4.63 22.06
CA THR C 168 -22.46 3.93 21.20
C THR C 168 -21.89 4.83 20.10
N SER C 169 -22.74 5.52 19.36
CA SER C 169 -22.28 6.34 18.25
C SER C 169 -21.61 7.61 18.78
N GLY C 170 -20.53 8.02 18.12
CA GLY C 170 -19.79 9.20 18.53
C GLY C 170 -18.80 8.99 19.64
N VAL C 171 -18.31 7.77 19.83
CA VAL C 171 -17.41 7.42 20.93
C VAL C 171 -16.07 6.99 20.34
N HIS C 172 -14.99 7.48 20.94
CA HIS C 172 -13.63 7.07 20.59
C HIS C 172 -12.93 6.55 21.84
N THR C 173 -12.49 5.30 21.79
CA THR C 173 -11.73 4.68 22.87
C THR C 173 -10.31 4.48 22.37
N PHE C 174 -9.36 5.19 22.99
CA PHE C 174 -8.00 5.26 22.47
C PHE C 174 -7.17 4.08 22.94
N PRO C 175 -6.16 3.68 22.16
CA PRO C 175 -5.25 2.62 22.62
C PRO C 175 -4.46 3.06 23.83
N ALA C 176 -4.09 2.07 24.65
CA ALA C 176 -3.34 2.35 25.87
C ALA C 176 -1.91 2.76 25.54
N VAL C 177 -1.37 3.65 26.38
CA VAL C 177 0.02 4.07 26.29
C VAL C 177 0.72 3.68 27.58
N LEU C 178 2.03 3.46 27.49
CA LEU C 178 2.83 2.96 28.60
C LEU C 178 3.58 4.12 29.24
N GLN C 179 3.03 4.62 30.35
CA GLN C 179 3.73 5.61 31.14
C GLN C 179 4.95 5.01 31.82
N SER C 180 6.05 5.77 31.80
CA SER C 180 7.38 5.32 32.21
C SER C 180 7.44 4.80 33.63
N SER C 181 6.40 5.01 34.43
CA SER C 181 6.31 4.34 35.72
C SER C 181 5.98 2.86 35.57
N GLY C 182 6.02 2.37 34.33
CA GLY C 182 5.66 1.00 34.04
C GLY C 182 4.18 0.74 34.07
N LEU C 183 3.35 1.74 33.81
CA LEU C 183 1.91 1.59 33.94
C LEU C 183 1.22 1.96 32.64
N TYR C 184 -0.10 1.75 32.60
CA TYR C 184 -0.87 2.01 31.40
C TYR C 184 -1.87 3.14 31.61
N SER C 185 -2.09 3.90 30.54
CA SER C 185 -3.05 4.99 30.55
C SER C 185 -3.88 4.93 29.27
N LEU C 186 -5.11 5.43 29.37
CA LEU C 186 -6.08 5.36 28.30
C LEU C 186 -7.09 6.48 28.49
N SER C 187 -7.77 6.84 27.41
CA SER C 187 -8.81 7.85 27.48
C SER C 187 -9.95 7.48 26.53
N SER C 188 -11.16 7.87 26.92
CA SER C 188 -12.35 7.66 26.10
C SER C 188 -13.10 8.97 25.98
N VAL C 189 -13.39 9.37 24.75
CA VAL C 189 -14.06 10.65 24.49
C VAL C 189 -15.37 10.37 23.76
N VAL C 190 -16.33 11.28 23.94
CA VAL C 190 -17.62 11.21 23.27
C VAL C 190 -18.00 12.62 22.81
N THR C 191 -18.47 12.72 21.57
CA THR C 191 -19.01 13.97 21.04
C THR C 191 -20.53 13.87 21.07
N VAL C 192 -21.15 14.82 21.76
CA VAL C 192 -22.60 14.87 21.91
C VAL C 192 -23.07 16.23 21.41
N PRO C 193 -24.35 16.33 21.02
CA PRO C 193 -24.88 17.64 20.63
C PRO C 193 -24.81 18.64 21.78
N SER C 194 -24.65 19.91 21.43
CA SER C 194 -24.50 20.96 22.43
C SER C 194 -25.76 21.06 23.30
N SER C 195 -26.94 20.98 22.68
CA SER C 195 -28.18 21.14 23.42
C SER C 195 -28.51 19.94 24.31
N SER C 196 -27.97 18.76 23.99
CA SER C 196 -28.25 17.54 24.74
C SER C 196 -27.35 17.37 25.96
N LEU C 197 -26.75 18.46 26.46
CA LEU C 197 -25.81 18.35 27.57
C LEU C 197 -26.54 18.11 28.89
N GLY C 198 -27.41 19.04 29.28
CA GLY C 198 -28.07 18.98 30.56
C GLY C 198 -29.24 18.03 30.66
N THR C 199 -29.60 17.35 29.57
CA THR C 199 -30.73 16.44 29.57
C THR C 199 -30.33 15.03 30.01
N GLN C 200 -29.37 14.44 29.30
CA GLN C 200 -28.93 13.08 29.58
C GLN C 200 -27.78 13.08 30.58
N THR C 201 -27.88 12.19 31.57
CA THR C 201 -26.81 12.02 32.55
C THR C 201 -25.78 11.03 32.00
N TYR C 202 -24.56 11.51 31.81
CA TYR C 202 -23.51 10.74 31.14
C TYR C 202 -22.62 10.08 32.18
N ILE C 203 -22.53 8.75 32.11
CA ILE C 203 -21.70 7.95 33.00
C ILE C 203 -20.85 7.01 32.16
N CYS C 204 -19.56 6.95 32.45
CA CYS C 204 -18.65 6.03 31.81
C CYS C 204 -18.31 4.89 32.77
N ASN C 205 -18.38 3.66 32.26
CA ASN C 205 -18.14 2.46 33.03
C ASN C 205 -16.84 1.82 32.56
N VAL C 206 -15.95 1.53 33.49
CA VAL C 206 -14.63 0.99 33.20
C VAL C 206 -14.50 -0.37 33.89
N ASN C 207 -14.20 -1.40 33.11
CA ASN C 207 -14.04 -2.75 33.62
C ASN C 207 -12.60 -3.20 33.39
N HIS C 208 -11.94 -3.59 34.47
CA HIS C 208 -10.58 -4.14 34.44
C HIS C 208 -10.68 -5.60 34.86
N LYS C 209 -10.48 -6.51 33.90
CA LYS C 209 -10.66 -7.93 34.19
C LYS C 209 -9.59 -8.50 35.10
N PRO C 210 -8.28 -8.33 34.83
CA PRO C 210 -7.29 -8.97 35.71
C PRO C 210 -7.38 -8.54 37.16
N SER C 211 -7.69 -7.27 37.43
CA SER C 211 -7.89 -6.82 38.80
C SER C 211 -9.32 -7.03 39.27
N ASN C 212 -10.23 -7.42 38.38
CA ASN C 212 -11.64 -7.66 38.71
C ASN C 212 -12.26 -6.41 39.35
N THR C 213 -12.15 -5.28 38.65
CA THR C 213 -12.59 -4.00 39.18
C THR C 213 -13.46 -3.29 38.16
N LYS C 214 -14.72 -3.05 38.51
CA LYS C 214 -15.64 -2.27 37.69
C LYS C 214 -15.98 -0.98 38.41
N VAL C 215 -15.79 0.15 37.72
CA VAL C 215 -15.94 1.48 38.31
C VAL C 215 -16.83 2.32 37.40
N ASP C 216 -17.78 3.03 37.99
CA ASP C 216 -18.65 3.95 37.27
C ASP C 216 -18.24 5.38 37.61
N LYS C 217 -18.30 6.26 36.61
CA LYS C 217 -17.91 7.65 36.80
C LYS C 217 -18.86 8.56 36.04
N ARG C 218 -19.57 9.42 36.77
CA ARG C 218 -20.44 10.42 36.16
C ARG C 218 -19.62 11.63 35.71
N VAL C 219 -19.95 12.16 34.54
CA VAL C 219 -19.27 13.32 33.99
C VAL C 219 -20.29 14.43 33.79
N GLU C 220 -20.01 15.61 34.38
CA GLU C 220 -20.91 16.75 34.29
C GLU C 220 -20.15 17.99 34.71
N PRO C 221 -20.32 19.13 34.02
CA PRO C 221 -19.64 20.38 34.34
C PRO C 221 -20.00 20.93 35.72
N ASP D 1 7.26 -27.46 7.74
CA ASP D 1 6.70 -26.10 7.78
C ASP D 1 6.45 -25.56 6.38
N ILE D 2 5.17 -25.47 6.01
CA ILE D 2 4.78 -24.84 4.75
C ILE D 2 4.79 -23.33 4.95
N GLN D 3 5.51 -22.63 4.08
CA GLN D 3 5.63 -21.18 4.21
C GLN D 3 4.52 -20.50 3.40
N MET D 4 3.86 -19.53 4.02
CA MET D 4 2.74 -18.80 3.41
C MET D 4 3.16 -17.35 3.26
N THR D 5 3.33 -16.91 2.01
CA THR D 5 3.72 -15.54 1.72
C THR D 5 2.51 -14.76 1.21
N GLN D 6 2.27 -13.60 1.81
CA GLN D 6 1.10 -12.78 1.49
C GLN D 6 1.55 -11.45 0.92
N SER D 7 0.86 -10.98 -0.12
CA SER D 7 1.25 -9.75 -0.80
C SER D 7 0.03 -8.95 -1.20
N PRO D 8 0.07 -7.61 -1.06
CA PRO D 8 1.10 -6.82 -0.39
C PRO D 8 0.87 -6.82 1.12
N SER D 9 1.75 -6.23 1.91
CA SER D 9 1.57 -6.19 3.36
C SER D 9 0.75 -5.00 3.82
N SER D 10 0.56 -3.99 2.97
CA SER D 10 -0.23 -2.81 3.33
C SER D 10 -0.60 -2.08 2.05
N LEU D 11 -1.88 -1.76 1.90
CA LEU D 11 -2.36 -1.06 0.71
C LEU D 11 -3.38 -0.01 1.12
N SER D 12 -3.51 1.02 0.29
CA SER D 12 -4.46 2.12 0.51
C SER D 12 -5.20 2.38 -0.78
N ALA D 13 -6.51 2.10 -0.78
CA ALA D 13 -7.34 2.28 -1.96
C ALA D 13 -8.61 3.06 -1.59
N SER D 14 -9.10 3.84 -2.55
CA SER D 14 -10.28 4.65 -2.33
C SER D 14 -11.54 3.78 -2.36
N VAL D 15 -12.67 4.40 -2.03
CA VAL D 15 -13.93 3.68 -1.94
C VAL D 15 -14.37 3.25 -3.33
N GLY D 16 -14.79 1.99 -3.46
CA GLY D 16 -15.25 1.44 -4.72
C GLY D 16 -14.18 0.83 -5.58
N ASP D 17 -12.91 0.91 -5.18
CA ASP D 17 -11.82 0.37 -5.97
C ASP D 17 -11.76 -1.15 -5.86
N ARG D 18 -11.10 -1.77 -6.83
CA ARG D 18 -10.93 -3.22 -6.88
C ARG D 18 -9.62 -3.59 -6.20
N VAL D 19 -9.70 -4.36 -5.12
CA VAL D 19 -8.54 -4.72 -4.31
C VAL D 19 -8.23 -6.19 -4.58
N THR D 20 -6.95 -6.50 -4.78
CA THR D 20 -6.51 -7.86 -5.06
C THR D 20 -5.26 -8.15 -4.25
N ILE D 21 -5.31 -9.23 -3.46
CA ILE D 21 -4.16 -9.67 -2.68
C ILE D 21 -3.86 -11.13 -3.03
N THR D 22 -2.60 -11.50 -2.95
CA THR D 22 -2.12 -12.80 -3.38
C THR D 22 -1.52 -13.57 -2.21
N CYS D 23 -1.72 -14.88 -2.22
CA CYS D 23 -1.15 -15.79 -1.23
C CYS D 23 -0.44 -16.91 -1.96
N ARG D 24 0.81 -17.17 -1.57
CA ARG D 24 1.66 -18.16 -2.22
C ARG D 24 2.16 -19.15 -1.18
N ALA D 25 2.19 -20.43 -1.55
CA ALA D 25 2.63 -21.50 -0.68
C ALA D 25 3.88 -22.17 -1.26
N SER D 26 4.69 -22.73 -0.36
CA SER D 26 5.91 -23.42 -0.78
C SER D 26 5.63 -24.81 -1.35
N GLN D 27 4.46 -25.38 -1.09
CA GLN D 27 4.08 -26.68 -1.61
C GLN D 27 2.64 -26.63 -2.08
N THR D 28 2.30 -27.56 -2.97
CA THR D 28 0.96 -27.64 -3.51
C THR D 28 -0.04 -27.93 -2.41
N ILE D 29 -0.96 -27.00 -2.18
CA ILE D 29 -2.03 -27.16 -1.20
C ILE D 29 -3.34 -27.10 -1.98
N SER D 30 -3.83 -28.28 -2.39
CA SER D 30 -4.98 -28.37 -3.28
C SER D 30 -6.24 -27.81 -2.64
N THR D 31 -6.72 -26.68 -3.19
CA THR D 31 -7.92 -25.96 -2.75
C THR D 31 -8.03 -25.93 -1.22
N TYR D 32 -6.90 -25.79 -0.54
CA TYR D 32 -6.85 -25.81 0.93
C TYR D 32 -6.20 -24.51 1.42
N LEU D 33 -7.01 -23.47 1.54
CA LEU D 33 -6.67 -22.33 2.38
C LEU D 33 -7.91 -21.48 2.58
N ASN D 34 -7.93 -20.77 3.70
CA ASN D 34 -9.03 -19.92 4.11
C ASN D 34 -8.56 -18.49 4.24
N TRP D 35 -9.38 -17.57 3.76
CA TRP D 35 -9.18 -16.14 3.94
C TRP D 35 -10.00 -15.67 5.12
N TYR D 36 -9.35 -15.01 6.07
CA TYR D 36 -9.96 -14.47 7.27
C TYR D 36 -9.79 -12.97 7.32
N GLN D 37 -10.77 -12.30 7.93
CA GLN D 37 -10.77 -10.85 8.10
C GLN D 37 -10.81 -10.53 9.59
N GLN D 38 -9.85 -9.72 10.04
CA GLN D 38 -9.71 -9.36 11.44
C GLN D 38 -9.78 -7.83 11.57
N LYS D 39 -10.92 -7.34 12.07
CA LYS D 39 -11.07 -5.92 12.36
C LYS D 39 -10.36 -5.56 13.66
N PRO D 40 -9.87 -4.32 13.78
CA PRO D 40 -9.10 -3.94 14.96
C PRO D 40 -9.90 -4.12 16.23
N GLY D 41 -9.28 -4.76 17.23
CA GLY D 41 -9.90 -5.04 18.50
C GLY D 41 -10.69 -6.34 18.54
N LYS D 42 -11.23 -6.78 17.41
CA LYS D 42 -12.06 -7.97 17.37
C LYS D 42 -11.24 -9.19 16.99
N ALA D 43 -11.92 -10.35 16.89
CA ALA D 43 -11.37 -11.65 16.52
C ALA D 43 -11.57 -11.91 15.03
N PRO D 44 -10.68 -12.69 14.41
CA PRO D 44 -10.81 -12.95 12.97
C PRO D 44 -12.13 -13.64 12.63
N LYS D 45 -12.71 -13.23 11.51
CA LYS D 45 -13.91 -13.85 10.97
C LYS D 45 -13.55 -14.62 9.69
N LEU D 46 -14.25 -15.73 9.46
CA LEU D 46 -14.00 -16.53 8.28
C LEU D 46 -14.66 -15.87 7.07
N LEU D 47 -13.85 -15.51 6.07
CA LEU D 47 -14.36 -14.94 4.83
C LEU D 47 -14.54 -16.01 3.75
N ILE D 48 -13.48 -16.76 3.46
CA ILE D 48 -13.49 -17.76 2.40
C ILE D 48 -12.87 -19.05 2.91
N TYR D 49 -13.48 -20.18 2.57
CA TYR D 49 -12.84 -21.48 2.74
C TYR D 49 -12.84 -22.21 1.41
N ALA D 50 -12.06 -23.31 1.35
CA ALA D 50 -11.83 -24.06 0.14
C ALA D 50 -11.23 -23.21 -0.98
N ALA D 51 -10.72 -22.03 -0.61
CA ALA D 51 -10.04 -21.09 -1.50
C ALA D 51 -10.99 -20.46 -2.52
N SER D 52 -12.25 -20.90 -2.55
CA SER D 52 -13.22 -20.34 -3.50
C SER D 52 -14.64 -20.24 -2.97
N THR D 53 -14.90 -20.59 -1.72
CA THR D 53 -16.27 -20.71 -1.21
C THR D 53 -16.55 -19.64 -0.16
N LEU D 54 -17.74 -19.05 -0.25
CA LEU D 54 -18.16 -17.99 0.65
C LEU D 54 -18.78 -18.59 1.92
N GLN D 55 -18.39 -18.03 3.07
CA GLN D 55 -19.01 -18.40 4.33
C GLN D 55 -20.39 -17.75 4.45
N SER D 56 -21.28 -18.41 5.18
CA SER D 56 -22.63 -17.90 5.36
C SER D 56 -22.61 -16.51 5.99
N GLY D 57 -23.40 -15.60 5.43
CA GLY D 57 -23.48 -14.26 5.97
C GLY D 57 -22.31 -13.35 5.66
N VAL D 58 -21.69 -13.51 4.50
CA VAL D 58 -20.56 -12.69 4.07
C VAL D 58 -20.96 -11.99 2.78
N PRO D 59 -20.70 -10.68 2.64
CA PRO D 59 -21.05 -9.99 1.39
C PRO D 59 -20.36 -10.60 0.18
N SER D 60 -21.06 -10.59 -0.95
CA SER D 60 -20.59 -11.24 -2.17
C SER D 60 -19.42 -10.50 -2.83
N ARG D 61 -19.12 -9.28 -2.41
CA ARG D 61 -18.00 -8.55 -2.99
C ARG D 61 -16.65 -9.16 -2.65
N PHE D 62 -16.60 -10.08 -1.69
CA PHE D 62 -15.40 -10.84 -1.39
C PHE D 62 -15.38 -12.10 -2.26
N SER D 63 -14.30 -12.31 -2.99
CA SER D 63 -14.21 -13.46 -3.90
C SER D 63 -12.83 -14.08 -3.80
N GLY D 64 -12.77 -15.36 -3.47
CA GLY D 64 -11.52 -16.10 -3.47
C GLY D 64 -11.37 -16.92 -4.74
N SER D 65 -10.13 -17.09 -5.17
CA SER D 65 -9.85 -17.84 -6.39
C SER D 65 -8.43 -18.39 -6.31
N GLY D 66 -8.11 -19.29 -7.24
CA GLY D 66 -6.80 -19.89 -7.30
C GLY D 66 -6.80 -21.33 -6.80
N SER D 67 -5.65 -21.95 -6.95
CA SER D 67 -5.47 -23.37 -6.60
C SER D 67 -3.98 -23.67 -6.61
N GLY D 68 -3.64 -24.95 -6.46
CA GLY D 68 -2.26 -25.37 -6.50
C GLY D 68 -1.41 -24.69 -5.45
N THR D 69 -0.57 -23.76 -5.90
CA THR D 69 0.29 -22.99 -5.01
C THR D 69 0.07 -21.49 -5.12
N ASP D 70 -0.96 -21.04 -5.84
CA ASP D 70 -1.23 -19.62 -6.03
C ASP D 70 -2.70 -19.34 -5.76
N PHE D 71 -2.97 -18.35 -4.90
CA PHE D 71 -4.33 -18.02 -4.52
C PHE D 71 -4.49 -16.51 -4.47
N THR D 72 -5.73 -16.05 -4.63
CA THR D 72 -5.99 -14.62 -4.76
C THR D 72 -7.33 -14.28 -4.13
N LEU D 73 -7.33 -13.27 -3.26
CA LEU D 73 -8.55 -12.72 -2.67
C LEU D 73 -8.82 -11.36 -3.28
N THR D 74 -10.06 -11.14 -3.71
CA THR D 74 -10.44 -9.92 -4.41
C THR D 74 -11.64 -9.29 -3.71
N ILE D 75 -11.50 -8.03 -3.33
CA ILE D 75 -12.61 -7.20 -2.89
C ILE D 75 -13.09 -6.40 -4.09
N THR D 76 -14.34 -6.61 -4.48
CA THR D 76 -14.86 -5.99 -5.70
C THR D 76 -14.96 -4.48 -5.55
N SER D 77 -15.77 -4.02 -4.59
CA SER D 77 -15.94 -2.60 -4.32
C SER D 77 -15.63 -2.35 -2.85
N LEU D 78 -14.53 -1.65 -2.58
CA LEU D 78 -14.15 -1.36 -1.21
C LEU D 78 -15.20 -0.48 -0.55
N GLN D 79 -15.52 -0.81 0.69
CA GLN D 79 -16.47 -0.07 1.50
C GLN D 79 -15.78 0.45 2.75
N PRO D 80 -16.28 1.53 3.35
CA PRO D 80 -15.66 2.08 4.57
C PRO D 80 -15.68 1.13 5.76
N GLU D 81 -16.29 -0.05 5.63
CA GLU D 81 -16.37 -1.02 6.71
C GLU D 81 -15.34 -2.14 6.57
N ASP D 82 -14.54 -2.13 5.51
CA ASP D 82 -13.57 -3.19 5.24
C ASP D 82 -12.14 -2.75 5.55
N PHE D 83 -11.95 -1.94 6.59
CA PHE D 83 -10.62 -1.49 6.99
C PHE D 83 -9.78 -2.60 7.60
N ALA D 84 -10.38 -3.76 7.89
CA ALA D 84 -9.72 -4.81 8.65
C ALA D 84 -8.47 -5.34 7.94
N ALA D 85 -7.73 -6.16 8.68
CA ALA D 85 -6.61 -6.91 8.12
C ALA D 85 -7.10 -8.24 7.57
N TYR D 86 -6.30 -8.82 6.67
CA TYR D 86 -6.71 -10.02 5.96
C TYR D 86 -5.58 -11.05 6.00
N TYR D 87 -5.93 -12.30 6.31
CA TYR D 87 -4.97 -13.39 6.45
C TYR D 87 -5.37 -14.56 5.56
N CYS D 88 -4.37 -15.30 5.08
CA CYS D 88 -4.59 -16.55 4.38
C CYS D 88 -3.92 -17.67 5.15
N GLN D 89 -4.66 -18.76 5.38
CA GLN D 89 -4.20 -19.87 6.21
C GLN D 89 -4.41 -21.19 5.49
N GLN D 90 -3.36 -22.01 5.43
CA GLN D 90 -3.46 -23.32 4.79
C GLN D 90 -3.93 -24.36 5.80
N SER D 91 -4.61 -25.40 5.28
CA SER D 91 -5.06 -26.52 6.10
C SER D 91 -4.57 -27.86 5.54
N TYR D 92 -3.64 -27.85 4.59
CA TYR D 92 -3.22 -29.08 3.93
C TYR D 92 -2.27 -29.90 4.80
N SER D 93 -1.32 -29.25 5.48
CA SER D 93 -0.26 -29.95 6.18
C SER D 93 -0.10 -29.38 7.58
N ILE D 94 -0.06 -30.26 8.57
CA ILE D 94 0.29 -29.86 9.94
C ILE D 94 1.79 -29.60 10.01
N PRO D 95 2.24 -28.49 10.61
CA PRO D 95 1.45 -27.45 11.30
C PRO D 95 0.70 -26.53 10.35
N LEU D 96 -0.60 -26.34 10.56
CA LEU D 96 -1.34 -25.36 9.79
C LEU D 96 -0.85 -23.97 10.17
N THR D 97 -0.60 -23.13 9.16
CA THR D 97 0.09 -21.87 9.35
C THR D 97 -0.62 -20.75 8.62
N PHE D 98 -0.49 -19.55 9.14
CA PHE D 98 -1.13 -18.36 8.61
C PHE D 98 -0.13 -17.56 7.77
N GLY D 99 -0.62 -16.46 7.18
CA GLY D 99 0.21 -15.56 6.43
C GLY D 99 0.65 -14.35 7.26
N GLY D 100 1.41 -13.48 6.62
CA GLY D 100 1.86 -12.27 7.28
C GLY D 100 0.72 -11.32 7.60
N GLY D 101 -0.28 -11.25 6.72
CA GLY D 101 -1.40 -10.35 6.92
C GLY D 101 -1.30 -9.10 6.06
N THR D 102 -2.43 -8.62 5.57
CA THR D 102 -2.48 -7.44 4.71
C THR D 102 -3.39 -6.40 5.35
N LYS D 103 -2.87 -5.21 5.59
CA LYS D 103 -3.64 -4.12 6.16
C LYS D 103 -4.24 -3.30 5.00
N VAL D 104 -5.56 -3.31 4.90
CA VAL D 104 -6.27 -2.59 3.85
C VAL D 104 -6.79 -1.30 4.48
N GLU D 105 -6.13 -0.19 4.16
CA GLU D 105 -6.55 1.13 4.60
C GLU D 105 -7.31 1.82 3.47
N ILE D 106 -8.26 2.68 3.84
CA ILE D 106 -9.17 3.31 2.89
C ILE D 106 -8.70 4.73 2.64
N LYS D 107 -8.63 5.12 1.37
CA LYS D 107 -8.13 6.43 0.98
C LYS D 107 -9.20 7.37 0.45
N GLY D 108 -10.41 6.87 0.18
CA GLY D 108 -11.44 7.67 -0.47
C GLY D 108 -11.80 8.95 0.27
N GLN D 109 -11.49 9.04 1.55
CA GLN D 109 -11.77 10.24 2.32
C GLN D 109 -10.92 11.41 1.83
N PRO D 110 -11.51 12.54 1.45
CA PRO D 110 -10.71 13.73 1.16
C PRO D 110 -10.17 14.33 2.46
N LYS D 111 -9.34 15.36 2.29
CA LYS D 111 -8.72 16.01 3.45
C LYS D 111 -9.79 16.58 4.37
N ALA D 112 -9.86 16.06 5.59
CA ALA D 112 -10.87 16.44 6.57
C ALA D 112 -10.22 17.29 7.66
N ALA D 113 -10.79 18.46 7.92
CA ALA D 113 -10.25 19.35 8.94
C ALA D 113 -10.51 18.76 10.33
N PRO D 114 -9.49 18.73 11.19
CA PRO D 114 -9.69 18.17 12.54
C PRO D 114 -10.44 19.14 13.44
N SER D 115 -11.30 18.58 14.29
CA SER D 115 -11.99 19.35 15.32
C SER D 115 -11.17 19.29 16.60
N VAL D 116 -10.74 20.46 17.08
CA VAL D 116 -9.78 20.56 18.17
C VAL D 116 -10.52 20.82 19.48
N THR D 117 -10.07 20.18 20.56
CA THR D 117 -10.62 20.36 21.88
C THR D 117 -9.51 20.16 22.90
N LEU D 118 -9.67 20.79 24.07
CA LEU D 118 -8.68 20.75 25.13
C LEU D 118 -9.37 20.49 26.45
N PHE D 119 -8.71 19.73 27.32
CA PHE D 119 -9.25 19.39 28.64
C PHE D 119 -8.19 19.67 29.69
N PRO D 120 -8.40 20.67 30.55
CA PRO D 120 -7.49 20.87 31.69
C PRO D 120 -7.71 19.81 32.74
N PRO D 121 -6.73 19.58 33.62
CA PRO D 121 -6.88 18.55 34.65
C PRO D 121 -8.02 18.86 35.61
N SER D 122 -8.62 17.80 36.13
CA SER D 122 -9.72 17.91 37.08
C SER D 122 -9.19 18.04 38.51
N SER D 123 -10.06 18.49 39.40
CA SER D 123 -9.67 18.64 40.81
C SER D 123 -9.37 17.28 41.45
N GLU D 124 -10.00 16.22 40.97
CA GLU D 124 -9.74 14.89 41.54
C GLU D 124 -8.31 14.44 41.25
N GLU D 125 -7.86 14.61 40.01
CA GLU D 125 -6.49 14.23 39.68
C GLU D 125 -5.48 15.12 40.39
N LEU D 126 -5.79 16.40 40.55
CA LEU D 126 -4.92 17.28 41.33
C LEU D 126 -4.85 16.83 42.78
N GLN D 127 -5.98 16.34 43.31
CA GLN D 127 -5.96 15.68 44.62
C GLN D 127 -5.29 14.32 44.58
N ALA D 128 -5.00 13.80 43.39
CA ALA D 128 -4.31 12.52 43.24
C ALA D 128 -2.81 12.67 43.01
N ASN D 129 -2.26 13.86 43.24
CA ASN D 129 -0.84 14.17 43.24
C ASN D 129 -0.21 14.21 41.84
N LYS D 130 -1.00 14.07 40.79
CA LYS D 130 -0.49 14.15 39.42
C LYS D 130 -1.36 15.11 38.62
N ALA D 131 -0.74 15.77 37.62
CA ALA D 131 -1.43 16.75 36.80
C ALA D 131 -1.24 16.38 35.34
N THR D 132 -2.31 15.93 34.69
CA THR D 132 -2.28 15.58 33.28
C THR D 132 -3.40 16.29 32.54
N LEU D 133 -3.03 17.00 31.48
CA LEU D 133 -4.01 17.70 30.64
C LEU D 133 -4.02 17.06 29.25
N VAL D 134 -5.20 17.04 28.62
CA VAL D 134 -5.42 16.22 27.43
C VAL D 134 -5.83 17.11 26.26
N CYS D 135 -5.05 17.07 25.19
CA CYS D 135 -5.43 17.72 23.94
C CYS D 135 -5.94 16.67 22.96
N LEU D 136 -6.99 17.00 22.22
CA LEU D 136 -7.65 16.01 21.38
C LEU D 136 -8.10 16.64 20.07
N ILE D 137 -7.68 16.05 18.95
CA ILE D 137 -8.17 16.42 17.64
C ILE D 137 -8.94 15.23 17.07
N SER D 138 -10.17 15.47 16.64
CA SER D 138 -11.09 14.42 16.26
C SER D 138 -11.52 14.57 14.81
N ASP D 139 -11.71 13.42 14.15
CA ASP D 139 -12.34 13.35 12.82
C ASP D 139 -11.54 14.10 11.77
N PHE D 140 -10.31 13.67 11.56
CA PHE D 140 -9.46 14.15 10.47
C PHE D 140 -8.93 12.95 9.71
N TYR D 141 -8.98 13.02 8.38
CA TYR D 141 -8.49 11.92 7.57
C TYR D 141 -6.97 11.87 7.43
N PRO D 142 -6.32 12.91 6.87
CA PRO D 142 -4.98 12.71 6.29
C PRO D 142 -3.90 12.36 7.30
N GLY D 143 -3.47 11.10 7.28
CA GLY D 143 -2.31 10.60 8.01
C GLY D 143 -2.11 11.12 9.42
N ALA D 144 -0.88 11.54 9.72
CA ALA D 144 -0.52 12.06 11.02
C ALA D 144 -0.29 13.57 10.94
N VAL D 145 -0.31 14.21 12.10
CA VAL D 145 -0.22 15.66 12.22
C VAL D 145 0.80 16.00 13.30
N THR D 146 0.97 17.30 13.56
CA THR D 146 1.87 17.80 14.58
C THR D 146 1.09 18.61 15.62
N VAL D 147 1.39 18.35 16.89
CA VAL D 147 0.79 19.05 18.02
C VAL D 147 1.91 19.47 18.97
N ALA D 148 1.94 20.75 19.32
CA ALA D 148 2.92 21.32 20.22
C ALA D 148 2.24 21.86 21.47
N TRP D 149 3.01 21.96 22.54
CA TRP D 149 2.51 22.39 23.84
C TRP D 149 3.23 23.65 24.28
N LYS D 150 2.48 24.64 24.74
CA LYS D 150 3.02 25.94 25.12
C LYS D 150 2.72 26.22 26.58
N ALA D 151 3.78 26.43 27.37
CA ALA D 151 3.68 26.82 28.78
C ALA D 151 3.58 28.34 28.88
N ASP D 152 2.46 28.84 28.36
CA ASP D 152 2.01 30.23 28.38
C ASP D 152 2.80 31.14 27.45
N SER D 153 4.01 30.74 27.05
CA SER D 153 4.67 31.35 25.91
C SER D 153 5.66 30.43 25.21
N SER D 154 5.87 29.20 25.67
CA SER D 154 7.08 28.46 25.32
C SER D 154 6.78 27.01 24.95
N PRO D 155 7.24 26.55 23.79
CA PRO D 155 7.04 25.13 23.42
C PRO D 155 7.79 24.21 24.37
N VAL D 156 7.05 23.32 25.01
CA VAL D 156 7.62 22.30 25.89
C VAL D 156 7.85 21.03 25.09
N LYS D 157 8.98 20.37 25.32
CA LYS D 157 9.39 19.23 24.52
C LYS D 157 9.14 17.89 25.19
N ALA D 158 9.20 17.81 26.52
CA ALA D 158 9.09 16.56 27.24
C ALA D 158 7.72 16.45 27.91
N GLY D 159 7.28 15.22 28.12
CA GLY D 159 6.03 14.94 28.80
C GLY D 159 4.84 14.70 27.91
N VAL D 160 5.03 14.49 26.61
CA VAL D 160 3.93 14.31 25.66
C VAL D 160 3.75 12.82 25.39
N GLU D 161 2.50 12.35 25.51
CA GLU D 161 2.14 10.98 25.21
C GLU D 161 1.03 11.00 24.17
N THR D 162 1.33 10.53 22.96
CA THR D 162 0.42 10.65 21.82
C THR D 162 -0.09 9.28 21.39
N THR D 163 -1.40 9.17 21.18
CA THR D 163 -2.03 7.97 20.68
C THR D 163 -3.04 8.33 19.61
N THR D 164 -3.36 7.36 18.76
CA THR D 164 -4.34 7.52 17.69
C THR D 164 -5.15 6.23 17.56
N PRO D 165 -6.42 6.34 17.15
CA PRO D 165 -7.22 5.14 16.92
C PRO D 165 -7.08 4.64 15.49
N SER D 166 -7.83 3.60 15.13
CA SER D 166 -7.85 3.10 13.78
C SER D 166 -8.88 3.87 12.95
N LYS D 167 -8.94 3.56 11.66
CA LYS D 167 -9.93 4.20 10.79
C LYS D 167 -11.33 3.82 11.24
N GLN D 168 -12.21 4.82 11.29
CA GLN D 168 -13.57 4.61 11.76
C GLN D 168 -14.45 4.16 10.58
N SER D 169 -15.76 4.09 10.81
CA SER D 169 -16.69 3.79 9.74
C SER D 169 -16.81 4.93 8.73
N ASN D 170 -16.33 6.13 9.08
CA ASN D 170 -16.23 7.24 8.16
C ASN D 170 -14.79 7.56 7.77
N ASN D 171 -13.85 6.69 8.14
CA ASN D 171 -12.45 6.79 7.73
C ASN D 171 -11.81 8.08 8.24
N LYS D 172 -11.82 8.24 9.56
CA LYS D 172 -11.25 9.42 10.20
C LYS D 172 -10.43 9.01 11.41
N TYR D 173 -9.39 9.80 11.70
CA TYR D 173 -8.53 9.62 12.85
C TYR D 173 -8.89 10.64 13.94
N ALA D 174 -8.27 10.46 15.10
CA ALA D 174 -8.46 11.38 16.23
C ALA D 174 -7.24 11.26 17.13
N ALA D 175 -6.28 12.17 16.99
CA ALA D 175 -5.07 12.12 17.79
C ALA D 175 -5.35 12.67 19.18
N SER D 176 -5.05 11.87 20.20
CA SER D 176 -5.13 12.30 21.59
C SER D 176 -3.72 12.38 22.16
N SER D 177 -3.52 13.34 23.06
CA SER D 177 -2.18 13.51 23.62
C SER D 177 -2.28 14.04 25.04
N TYR D 178 -1.63 13.34 25.96
CA TYR D 178 -1.53 13.73 27.35
C TYR D 178 -0.24 14.52 27.59
N LEU D 179 -0.33 15.52 28.45
CA LEU D 179 0.84 16.18 29.03
C LEU D 179 0.78 15.95 30.53
N SER D 180 1.80 15.30 31.08
CA SER D 180 1.85 14.91 32.48
C SER D 180 2.98 15.65 33.19
N LEU D 181 2.68 16.14 34.39
CA LEU D 181 3.64 16.88 35.20
C LEU D 181 3.08 17.01 36.61
N THR D 182 3.95 17.42 37.53
CA THR D 182 3.58 17.52 38.93
C THR D 182 2.62 18.69 39.15
N PRO D 183 1.85 18.67 40.25
CA PRO D 183 0.95 19.80 40.53
C PRO D 183 1.67 21.13 40.69
N GLU D 184 2.90 21.12 41.20
CA GLU D 184 3.65 22.38 41.35
C GLU D 184 3.88 23.03 39.99
N GLN D 185 4.32 22.25 39.01
CA GLN D 185 4.51 22.79 37.67
C GLN D 185 3.18 23.10 36.98
N TRP D 186 2.09 22.47 37.42
CA TRP D 186 0.78 22.80 36.85
C TRP D 186 0.28 24.15 37.36
N LYS D 187 0.54 24.45 38.64
CA LYS D 187 0.07 25.70 39.22
C LYS D 187 1.05 26.85 39.07
N SER D 188 2.31 26.56 38.73
CA SER D 188 3.29 27.62 38.54
C SER D 188 3.02 28.43 37.28
N HIS D 189 2.29 27.87 36.32
CA HIS D 189 1.96 28.53 35.07
C HIS D 189 0.45 28.72 34.96
N ARG D 190 0.05 29.73 34.19
CA ARG D 190 -1.35 30.17 34.16
C ARG D 190 -2.11 29.63 32.96
N SER D 191 -1.68 29.96 31.75
CA SER D 191 -2.46 29.68 30.54
C SER D 191 -1.73 28.65 29.69
N TYR D 192 -2.26 27.43 29.66
CA TYR D 192 -1.67 26.35 28.89
C TYR D 192 -2.25 26.33 27.48
N SER D 193 -1.38 26.13 26.48
CA SER D 193 -1.80 26.18 25.09
C SER D 193 -1.46 24.88 24.36
N CYS D 194 -2.40 24.42 23.54
CA CYS D 194 -2.18 23.31 22.62
C CYS D 194 -2.29 23.84 21.19
N GLN D 195 -1.27 23.58 20.38
CA GLN D 195 -1.15 24.14 19.04
C GLN D 195 -1.05 23.01 18.03
N VAL D 196 -2.09 22.83 17.22
CA VAL D 196 -2.16 21.76 16.23
C VAL D 196 -1.99 22.37 14.85
N THR D 197 -1.18 21.72 14.02
CA THR D 197 -0.92 22.18 12.65
C THR D 197 -1.39 21.11 11.67
N HIS D 198 -2.47 21.40 10.93
CA HIS D 198 -2.99 20.43 9.97
C HIS D 198 -3.89 21.13 8.96
N GLU D 199 -3.46 21.17 7.69
CA GLU D 199 -4.31 21.43 6.53
C GLU D 199 -5.25 22.61 6.75
N GLY D 200 -4.63 23.78 6.88
CA GLY D 200 -5.34 25.03 7.02
C GLY D 200 -4.42 26.12 7.51
N SER D 201 -4.81 26.81 8.57
CA SER D 201 -3.94 27.72 9.29
C SER D 201 -3.84 27.22 10.73
N THR D 202 -2.62 27.17 11.25
CA THR D 202 -2.33 26.52 12.53
C THR D 202 -3.30 26.96 13.61
N VAL D 203 -4.01 25.97 14.19
CA VAL D 203 -5.04 26.24 15.18
C VAL D 203 -4.45 26.04 16.57
N GLU D 204 -5.02 26.71 17.56
CA GLU D 204 -4.54 26.57 18.93
C GLU D 204 -5.66 26.88 19.90
N LYS D 205 -5.64 26.19 21.05
CA LYS D 205 -6.58 26.41 22.13
C LYS D 205 -5.81 26.62 23.42
N THR D 206 -6.46 27.32 24.36
CA THR D 206 -5.80 27.71 25.59
C THR D 206 -6.75 27.54 26.78
N VAL D 207 -6.17 27.32 27.95
CA VAL D 207 -6.93 27.18 29.19
C VAL D 207 -6.25 27.99 30.29
N ALA D 208 -7.07 28.63 31.13
CA ALA D 208 -6.62 29.33 32.32
C ALA D 208 -7.44 28.82 33.50
N PRO D 209 -6.82 28.54 34.64
CA PRO D 209 -7.54 27.87 35.73
C PRO D 209 -8.57 28.77 36.40
N THR D 210 -9.84 28.46 36.20
CA THR D 210 -10.93 29.23 36.80
C THR D 210 -11.49 28.53 38.03
N GLN E 35 -13.08 -17.27 -35.90
CA GLN E 35 -13.36 -16.55 -34.65
C GLN E 35 -13.48 -15.03 -34.84
N PRO E 36 -12.51 -14.38 -35.48
CA PRO E 36 -12.63 -12.93 -35.68
C PRO E 36 -13.68 -12.60 -36.74
N ARG E 37 -14.35 -11.47 -36.55
CA ARG E 37 -15.36 -10.99 -37.48
C ARG E 37 -15.54 -9.50 -37.29
N GLY E 38 -15.40 -8.74 -38.37
CA GLY E 38 -15.58 -7.31 -38.34
C GLY E 38 -14.31 -6.55 -38.66
N ALA E 39 -14.25 -5.32 -38.17
CA ALA E 39 -13.14 -4.41 -38.46
C ALA E 39 -13.14 -3.29 -37.44
N GLU E 40 -11.96 -2.73 -37.18
CA GLU E 40 -11.84 -1.66 -36.20
C GLU E 40 -10.91 -0.57 -36.73
N PHE E 41 -11.26 0.68 -36.44
CA PHE E 41 -10.51 1.85 -36.85
C PHE E 41 -10.36 2.81 -35.68
N HIS E 42 -9.32 3.65 -35.76
CA HIS E 42 -9.02 4.62 -34.69
C HIS E 42 -8.36 5.84 -35.32
N MET E 43 -8.90 7.03 -35.01
CA MET E 43 -8.45 8.23 -35.71
C MET E 43 -8.33 9.50 -34.87
N TRP E 44 -8.43 9.45 -33.53
CA TRP E 44 -8.19 10.62 -32.69
C TRP E 44 -9.13 11.79 -33.05
N ASN E 45 -10.41 11.60 -32.72
CA ASN E 45 -11.52 12.43 -33.18
C ASN E 45 -11.25 13.92 -33.29
N TYR E 46 -10.76 14.56 -32.22
CA TYR E 46 -10.71 16.01 -32.14
C TYR E 46 -9.34 16.53 -32.59
N HIS E 47 -9.35 17.52 -33.49
CA HIS E 47 -8.15 18.12 -34.03
C HIS E 47 -8.32 19.64 -34.06
N SER E 48 -7.22 20.35 -34.32
CA SER E 48 -7.24 21.80 -34.40
C SER E 48 -6.08 22.26 -35.27
N HIS E 49 -6.40 22.86 -36.42
CA HIS E 49 -5.40 23.39 -37.34
C HIS E 49 -5.69 24.86 -37.60
N VAL E 50 -4.65 25.69 -37.51
CA VAL E 50 -4.76 27.12 -37.71
C VAL E 50 -3.82 27.52 -38.84
N PHE E 51 -4.33 28.30 -39.79
CA PHE E 51 -3.55 28.78 -40.92
C PHE E 51 -3.63 30.31 -41.00
N SER E 52 -3.06 30.86 -42.07
CA SER E 52 -3.19 32.27 -42.39
C SER E 52 -3.39 32.39 -43.90
N VAL E 53 -3.98 33.51 -44.31
CA VAL E 53 -4.35 33.68 -45.71
C VAL E 53 -3.11 33.60 -46.60
N GLY E 54 -3.19 32.78 -47.65
CA GLY E 54 -2.09 32.62 -48.57
C GLY E 54 -1.13 31.50 -48.23
N ASP E 55 -1.49 30.59 -47.33
CA ASP E 55 -0.61 29.49 -46.95
C ASP E 55 -0.89 28.26 -47.82
N THR E 56 -0.04 27.25 -47.66
CA THR E 56 -0.11 26.02 -48.44
C THR E 56 0.01 24.80 -47.53
N PHE E 57 -0.77 24.80 -46.45
CA PHE E 57 -0.77 23.67 -45.54
C PHE E 57 -1.56 22.51 -46.12
N SER E 58 -1.40 21.34 -45.49
CA SER E 58 -2.10 20.13 -45.90
C SER E 58 -2.62 19.42 -44.68
N LEU E 59 -3.94 19.31 -44.56
CA LEU E 59 -4.59 18.66 -43.43
C LEU E 59 -4.52 17.15 -43.58
N ALA E 60 -3.83 16.47 -42.67
CA ALA E 60 -3.57 15.04 -42.79
C ALA E 60 -4.05 14.31 -41.55
N MET E 61 -4.77 13.20 -41.76
CA MET E 61 -5.19 12.31 -40.69
C MET E 61 -4.30 11.08 -40.65
N HIS E 62 -4.05 10.59 -39.44
CA HIS E 62 -3.27 9.37 -39.22
C HIS E 62 -4.24 8.30 -38.77
N LEU E 63 -4.74 7.52 -39.72
CA LEU E 63 -5.73 6.48 -39.46
C LEU E 63 -5.05 5.17 -39.11
N GLN E 64 -5.55 4.51 -38.06
CA GLN E 64 -5.07 3.18 -37.69
C GLN E 64 -6.22 2.20 -37.80
N TYR E 65 -5.91 0.97 -38.19
CA TYR E 65 -6.96 0.01 -38.51
C TYR E 65 -6.48 -1.42 -38.29
N LYS E 66 -7.45 -2.30 -38.07
CA LYS E 66 -7.25 -3.74 -38.13
C LYS E 66 -8.52 -4.34 -38.70
N ILE E 67 -8.41 -5.00 -39.84
CA ILE E 67 -9.57 -5.44 -40.60
C ILE E 67 -9.41 -6.90 -41.01
N HIS E 68 -10.48 -7.66 -40.92
CA HIS E 68 -10.58 -9.03 -41.40
C HIS E 68 -11.63 -9.09 -42.50
N GLU E 69 -11.99 -10.31 -42.90
CA GLU E 69 -13.03 -10.58 -43.90
C GLU E 69 -12.84 -9.69 -45.14
N ALA E 70 -11.75 -10.02 -45.86
CA ALA E 70 -11.10 -9.24 -46.91
C ALA E 70 -12.03 -8.44 -47.83
N PRO E 71 -13.07 -9.04 -48.44
CA PRO E 71 -13.91 -8.26 -49.35
C PRO E 71 -14.74 -7.21 -48.64
N PHE E 72 -14.38 -5.93 -48.82
CA PHE E 72 -15.10 -4.84 -48.19
C PHE E 72 -15.26 -3.70 -49.18
N ASP E 73 -15.90 -2.61 -48.71
CA ASP E 73 -16.13 -1.39 -49.49
C ASP E 73 -15.73 -0.21 -48.62
N LEU E 74 -14.47 0.21 -48.73
CA LEU E 74 -13.97 1.32 -47.92
C LEU E 74 -14.32 2.64 -48.58
N LEU E 75 -14.63 3.64 -47.76
CA LEU E 75 -14.96 4.96 -48.29
C LEU E 75 -14.52 6.02 -47.30
N LEU E 76 -13.71 6.96 -47.78
CA LEU E 76 -13.13 8.04 -46.96
C LEU E 76 -13.73 9.34 -47.46
N GLU E 77 -14.60 9.97 -46.65
CA GLU E 77 -15.41 11.08 -47.10
C GLU E 77 -15.07 12.32 -46.27
N TRP E 78 -14.71 13.40 -46.94
CA TRP E 78 -14.40 14.67 -46.30
C TRP E 78 -15.59 15.60 -46.47
N LEU E 79 -16.28 15.88 -45.37
CA LEU E 79 -17.39 16.82 -45.31
C LEU E 79 -16.96 18.11 -44.64
N TYR E 80 -17.73 19.16 -44.89
CA TYR E 80 -17.37 20.50 -44.44
C TYR E 80 -18.60 21.20 -43.87
N VAL E 81 -18.36 22.06 -42.88
CA VAL E 81 -19.39 22.93 -42.31
C VAL E 81 -18.82 24.30 -41.97
N PRO E 82 -19.43 25.38 -42.45
CA PRO E 82 -18.98 26.72 -42.08
C PRO E 82 -19.37 27.06 -40.65
N ILE E 83 -18.60 27.94 -40.05
CA ILE E 83 -18.88 28.41 -38.69
C ILE E 83 -18.90 29.93 -38.66
N PRO E 118 -23.97 25.20 -35.15
CA PRO E 118 -23.93 24.79 -36.55
C PRO E 118 -24.50 23.40 -36.80
N HIS E 119 -25.55 23.31 -37.61
CA HIS E 119 -26.21 22.04 -37.92
C HIS E 119 -25.82 21.51 -39.29
N LEU E 120 -26.05 22.30 -40.34
CA LEU E 120 -25.83 21.85 -41.70
C LEU E 120 -24.36 21.48 -41.93
N ALA E 121 -24.12 20.69 -42.97
CA ALA E 121 -22.77 20.32 -43.34
C ALA E 121 -22.71 19.98 -44.82
N GLN E 122 -21.78 20.62 -45.53
CA GLN E 122 -21.61 20.39 -46.95
C GLN E 122 -20.80 19.12 -47.20
N ARG E 123 -20.57 18.83 -48.48
CA ARG E 123 -19.70 17.74 -48.90
C ARG E 123 -18.58 18.32 -49.75
N VAL E 124 -17.35 17.91 -49.46
CA VAL E 124 -16.17 18.44 -50.13
C VAL E 124 -15.50 17.38 -51.01
N ALA E 125 -15.27 16.18 -50.47
CA ALA E 125 -14.55 15.17 -51.23
C ALA E 125 -14.95 13.78 -50.75
N SER E 126 -14.63 12.78 -51.57
CA SER E 126 -14.90 11.39 -51.21
C SER E 126 -14.05 10.48 -52.09
N THR E 127 -13.31 9.57 -51.45
CA THR E 127 -12.58 8.52 -52.14
C THR E 127 -13.21 7.18 -51.80
N VAL E 128 -13.30 6.28 -52.79
CA VAL E 128 -13.94 4.99 -52.59
C VAL E 128 -13.00 3.89 -53.06
N TYR E 129 -12.66 2.98 -52.16
CA TYR E 129 -12.02 1.71 -52.49
C TYR E 129 -13.14 0.69 -52.56
N GLN E 130 -13.59 0.40 -53.78
CA GLN E 130 -14.78 -0.41 -54.01
C GLN E 130 -14.38 -1.85 -54.26
N ASN E 131 -14.90 -2.77 -53.44
CA ASN E 131 -14.66 -4.20 -53.59
C ASN E 131 -13.17 -4.54 -53.54
N CYS E 132 -12.45 -3.91 -52.62
CA CYS E 132 -11.06 -4.27 -52.41
C CYS E 132 -10.96 -5.54 -51.56
N GLU E 133 -9.77 -6.14 -51.55
CA GLU E 133 -9.57 -7.40 -50.86
C GLU E 133 -8.27 -7.47 -50.07
N HIS E 134 -7.46 -6.41 -50.05
CA HIS E 134 -6.21 -6.41 -49.31
C HIS E 134 -6.51 -6.10 -47.85
N ALA E 135 -6.49 -7.13 -47.01
CA ALA E 135 -7.00 -6.97 -45.63
C ALA E 135 -5.95 -6.33 -44.72
N ASP E 136 -4.87 -7.05 -44.42
CA ASP E 136 -3.92 -6.55 -43.44
C ASP E 136 -2.66 -5.97 -44.06
N ASN E 137 -2.25 -6.47 -45.22
CA ASN E 137 -1.21 -5.79 -45.98
C ASN E 137 -1.73 -4.40 -46.37
N TYR E 138 -0.83 -3.43 -46.38
CA TYR E 138 -1.16 -2.02 -46.54
C TYR E 138 -2.19 -1.81 -47.66
N THR E 139 -3.33 -1.21 -47.30
CA THR E 139 -4.46 -1.09 -48.21
C THR E 139 -4.18 -0.19 -49.40
N ALA E 140 -3.04 0.51 -49.42
CA ALA E 140 -2.64 1.27 -50.59
C ALA E 140 -2.27 0.38 -51.77
N TYR E 141 -2.12 -0.93 -51.55
CA TYR E 141 -1.92 -1.86 -52.65
C TYR E 141 -2.98 -1.68 -53.73
N CYS E 142 -4.24 -1.93 -53.38
CA CYS E 142 -5.35 -1.68 -54.28
C CYS E 142 -5.70 -0.20 -54.23
N LEU E 143 -5.84 0.41 -55.39
CA LEU E 143 -6.16 1.83 -55.47
C LEU E 143 -7.63 2.02 -55.87
N GLY E 144 -8.16 3.18 -55.50
CA GLY E 144 -9.54 3.51 -55.80
C GLY E 144 -9.64 4.88 -56.43
N ILE E 145 -10.84 5.20 -56.90
CA ILE E 145 -11.11 6.48 -57.53
C ILE E 145 -11.32 7.54 -56.46
N SER E 146 -10.94 8.78 -56.78
CA SER E 146 -10.91 9.87 -55.83
C SER E 146 -11.64 11.10 -56.40
N HIS E 147 -12.84 10.88 -56.92
CA HIS E 147 -13.61 11.98 -57.48
C HIS E 147 -14.01 12.96 -56.40
N MET E 148 -13.71 14.23 -56.61
CA MET E 148 -13.98 15.29 -55.65
C MET E 148 -14.85 16.37 -56.31
N GLU E 149 -15.84 16.84 -55.57
CA GLU E 149 -16.74 17.87 -56.08
C GLU E 149 -15.98 19.19 -56.24
N PRO E 150 -16.00 19.81 -57.42
CA PRO E 150 -15.15 20.96 -57.69
C PRO E 150 -15.66 22.28 -57.14
N SER E 151 -16.70 22.29 -56.32
CA SER E 151 -17.15 23.54 -55.71
C SER E 151 -16.05 24.17 -54.84
N PHE E 152 -15.14 23.35 -54.33
CA PHE E 152 -13.94 23.81 -53.65
C PHE E 152 -12.73 23.54 -54.55
N GLY E 153 -11.56 23.96 -54.07
CA GLY E 153 -10.31 23.66 -54.73
C GLY E 153 -9.74 22.40 -54.11
N LEU E 154 -8.76 22.57 -53.21
CA LEU E 154 -8.39 21.54 -52.25
C LEU E 154 -7.88 20.28 -52.96
N ILE E 155 -6.71 20.42 -53.58
CA ILE E 155 -6.07 19.28 -54.24
C ILE E 155 -6.01 18.11 -53.27
N LEU E 156 -6.65 17.00 -53.66
CA LEU E 156 -6.69 15.83 -52.80
C LEU E 156 -5.32 15.14 -52.82
N HIS E 157 -5.15 14.15 -51.96
CA HIS E 157 -3.80 13.64 -51.78
C HIS E 157 -3.85 12.14 -51.51
N ASP E 158 -2.73 11.60 -51.03
CA ASP E 158 -2.50 10.16 -51.05
C ASP E 158 -3.52 9.40 -50.22
N GLY E 159 -4.03 8.30 -50.79
CA GLY E 159 -4.97 7.43 -50.11
C GLY E 159 -6.29 8.10 -49.78
N GLY E 160 -6.46 9.36 -50.18
CA GLY E 160 -7.65 10.10 -49.82
C GLY E 160 -7.77 10.39 -48.34
N THR E 161 -6.68 10.28 -47.59
CA THR E 161 -6.70 10.49 -46.15
C THR E 161 -6.17 11.86 -45.75
N THR E 162 -5.92 12.74 -46.72
CA THR E 162 -5.38 14.06 -46.40
C THR E 162 -5.73 15.05 -47.49
N LEU E 163 -6.12 16.24 -47.09
CA LEU E 163 -6.36 17.35 -48.00
C LEU E 163 -5.11 18.21 -48.13
N LYS E 164 -5.04 18.95 -49.23
CA LYS E 164 -3.97 19.92 -49.44
C LYS E 164 -4.59 21.26 -49.79
N PHE E 165 -4.27 22.29 -49.02
CA PHE E 165 -4.88 23.60 -49.14
C PHE E 165 -3.90 24.50 -49.89
N VAL E 166 -4.17 24.75 -51.16
CA VAL E 166 -3.28 25.53 -52.02
C VAL E 166 -3.82 26.95 -52.17
N ASP E 167 -2.95 27.93 -51.91
CA ASP E 167 -3.25 29.36 -52.04
C ASP E 167 -4.61 29.68 -51.41
N THR E 168 -4.69 29.44 -50.11
CA THR E 168 -5.95 29.44 -49.38
C THR E 168 -6.50 30.86 -49.20
N PRO E 169 -7.80 31.04 -49.44
CA PRO E 169 -8.47 32.25 -48.97
C PRO E 169 -9.09 32.04 -47.60
N GLU E 170 -9.65 33.09 -47.01
CA GLU E 170 -10.28 32.96 -45.70
C GLU E 170 -11.56 32.13 -45.78
N SER E 171 -12.26 32.19 -46.91
CA SER E 171 -13.58 31.56 -47.02
C SER E 171 -13.54 30.05 -46.82
N LEU E 172 -12.37 29.42 -46.95
CA LEU E 172 -12.24 27.99 -46.73
C LEU E 172 -12.25 27.61 -45.25
N SER E 173 -12.10 28.58 -44.35
CA SER E 173 -12.05 28.27 -42.93
C SER E 173 -13.39 27.72 -42.46
N GLY E 174 -13.32 26.70 -41.60
CA GLY E 174 -14.51 26.05 -41.11
C GLY E 174 -14.16 24.73 -40.46
N LEU E 175 -15.20 24.00 -40.05
CA LEU E 175 -15.03 22.70 -39.42
C LEU E 175 -15.08 21.61 -40.48
N TYR E 176 -13.98 20.90 -40.64
CA TYR E 176 -13.90 19.77 -41.56
C TYR E 176 -14.03 18.47 -40.78
N VAL E 177 -14.80 17.53 -41.31
CA VAL E 177 -14.93 16.20 -40.73
C VAL E 177 -14.48 15.20 -41.78
N PHE E 178 -13.81 14.14 -41.32
CA PHE E 178 -13.35 13.06 -42.18
C PHE E 178 -13.97 11.77 -41.66
N VAL E 179 -15.03 11.33 -42.31
CA VAL E 179 -15.79 10.16 -41.89
C VAL E 179 -15.38 8.98 -42.76
N VAL E 180 -15.03 7.87 -42.11
CA VAL E 180 -14.68 6.64 -42.81
C VAL E 180 -15.84 5.67 -42.68
N TYR E 181 -16.52 5.42 -43.80
CA TYR E 181 -17.54 4.38 -43.90
C TYR E 181 -16.88 3.10 -44.40
N PHE E 182 -16.87 2.07 -43.57
CA PHE E 182 -16.41 0.76 -43.96
C PHE E 182 -17.64 -0.14 -44.07
N ASN E 183 -17.91 -0.60 -45.29
CA ASN E 183 -19.03 -1.51 -45.57
C ASN E 183 -20.35 -0.95 -45.04
N GLY E 184 -20.58 0.33 -45.32
CA GLY E 184 -21.82 0.97 -44.92
C GLY E 184 -21.94 1.29 -43.45
N HIS E 185 -20.93 0.98 -42.65
CA HIS E 185 -20.91 1.33 -41.23
C HIS E 185 -19.91 2.44 -41.00
N VAL E 186 -20.35 3.51 -40.33
CA VAL E 186 -19.42 4.57 -39.93
C VAL E 186 -18.49 3.98 -38.88
N GLU E 187 -17.24 3.70 -39.24
CA GLU E 187 -16.34 3.04 -38.31
C GLU E 187 -15.46 4.01 -37.54
N ALA E 188 -15.30 5.23 -38.04
CA ALA E 188 -14.60 6.30 -37.33
C ALA E 188 -14.89 7.60 -38.06
N VAL E 189 -14.64 8.70 -37.35
CA VAL E 189 -14.81 10.04 -37.91
C VAL E 189 -14.14 11.03 -36.97
N ALA E 190 -13.43 11.99 -37.55
CA ALA E 190 -12.62 12.93 -36.80
C ALA E 190 -12.95 14.35 -37.22
N TYR E 191 -13.00 15.26 -36.25
CA TYR E 191 -13.24 16.67 -36.49
C TYR E 191 -11.92 17.42 -36.49
N THR E 192 -11.88 18.51 -37.26
CA THR E 192 -10.73 19.40 -37.31
C THR E 192 -11.20 20.79 -37.66
N VAL E 193 -10.96 21.75 -36.77
CA VAL E 193 -11.43 23.12 -36.96
C VAL E 193 -10.29 23.92 -37.59
N VAL E 194 -10.50 24.37 -38.82
CA VAL E 194 -9.54 25.20 -39.54
C VAL E 194 -10.01 26.64 -39.50
N SER E 195 -9.15 27.53 -39.01
CA SER E 195 -9.51 28.94 -38.88
C SER E 195 -8.25 29.78 -38.97
N THR E 196 -8.44 31.05 -39.32
CA THR E 196 -7.32 31.99 -39.43
C THR E 196 -6.72 32.31 -38.07
N GLN F 35 -13.08 -34.73 -18.67
CA GLN F 35 -12.12 -33.77 -18.14
C GLN F 35 -11.49 -34.23 -16.81
N PRO F 36 -12.29 -34.61 -15.80
CA PRO F 36 -11.69 -35.07 -14.54
C PRO F 36 -11.05 -36.44 -14.69
N ARG F 37 -9.96 -36.65 -13.95
CA ARG F 37 -9.24 -37.92 -13.98
C ARG F 37 -8.43 -38.04 -12.70
N GLY F 38 -8.63 -39.14 -11.98
CA GLY F 38 -7.90 -39.40 -10.76
C GLY F 38 -8.75 -39.27 -9.51
N ALA F 39 -8.07 -39.08 -8.39
CA ALA F 39 -8.72 -38.96 -7.09
C ALA F 39 -7.80 -38.20 -6.16
N GLU F 40 -8.40 -37.59 -5.13
CA GLU F 40 -7.65 -36.77 -4.19
C GLU F 40 -8.03 -37.12 -2.75
N PHE F 41 -7.03 -37.18 -1.88
CA PHE F 41 -7.19 -37.53 -0.47
C PHE F 41 -6.40 -36.56 0.38
N HIS F 42 -6.84 -36.37 1.63
CA HIS F 42 -6.18 -35.48 2.57
C HIS F 42 -6.47 -35.94 3.99
N MET F 43 -5.41 -36.06 4.82
CA MET F 43 -5.59 -36.62 6.15
C MET F 43 -4.74 -36.00 7.26
N TRP F 44 -4.23 -34.77 7.11
CA TRP F 44 -3.59 -34.04 8.20
C TRP F 44 -2.39 -34.83 8.77
N ASN F 45 -1.33 -34.90 7.98
CA ASN F 45 -0.26 -35.86 8.21
C ASN F 45 0.63 -35.53 9.41
N TYR F 46 0.03 -35.42 10.60
CA TYR F 46 0.77 -35.31 11.86
C TYR F 46 -0.19 -35.47 13.04
N HIS F 47 0.14 -36.33 13.99
CA HIS F 47 -0.75 -36.59 15.12
C HIS F 47 0.07 -36.99 16.34
N SER F 48 -0.56 -36.86 17.51
CA SER F 48 0.03 -37.28 18.77
C SER F 48 -1.09 -37.67 19.72
N HIS F 49 -0.96 -38.84 20.36
CA HIS F 49 -1.95 -39.31 21.31
C HIS F 49 -1.25 -39.84 22.55
N VAL F 50 -1.66 -39.37 23.72
CA VAL F 50 -1.09 -39.76 25.00
C VAL F 50 -2.13 -40.56 25.77
N PHE F 51 -1.71 -41.67 26.36
CA PHE F 51 -2.61 -42.55 27.10
C PHE F 51 -1.94 -42.95 28.41
N SER F 52 -2.67 -43.71 29.21
CA SER F 52 -2.14 -44.36 30.40
C SER F 52 -2.47 -45.85 30.33
N VAL F 53 -1.66 -46.65 31.02
CA VAL F 53 -1.85 -48.10 30.97
C VAL F 53 -3.23 -48.45 31.51
N GLY F 54 -3.95 -49.29 30.78
CA GLY F 54 -5.30 -49.66 31.16
C GLY F 54 -6.39 -48.74 30.66
N ASP F 55 -6.12 -47.95 29.62
CA ASP F 55 -7.11 -47.04 29.05
C ASP F 55 -7.74 -47.64 27.79
N THR F 56 -8.88 -47.07 27.41
CA THR F 56 -9.64 -47.58 26.27
C THR F 56 -9.80 -46.50 25.20
N PHE F 57 -8.72 -45.80 24.88
CA PHE F 57 -8.77 -44.77 23.86
C PHE F 57 -8.89 -45.39 22.46
N SER F 58 -9.23 -44.55 21.49
CA SER F 58 -9.37 -44.99 20.10
C SER F 58 -8.72 -43.94 19.20
N LEU F 59 -7.74 -44.37 18.42
CA LEU F 59 -7.01 -43.49 17.51
C LEU F 59 -7.78 -43.43 16.19
N ALA F 60 -8.31 -42.25 15.87
CA ALA F 60 -9.20 -42.06 14.73
C ALA F 60 -8.64 -41.01 13.79
N MET F 61 -8.62 -41.32 12.50
CA MET F 61 -8.26 -40.38 11.45
C MET F 61 -9.52 -39.83 10.79
N HIS F 62 -9.44 -38.58 10.34
CA HIS F 62 -10.51 -37.94 9.59
C HIS F 62 -10.01 -37.80 8.15
N LEU F 63 -10.35 -38.77 7.31
CA LEU F 63 -9.93 -38.78 5.92
C LEU F 63 -10.95 -38.02 5.06
N GLN F 64 -10.46 -37.08 4.26
CA GLN F 64 -11.30 -36.36 3.32
C GLN F 64 -10.88 -36.70 1.91
N TYR F 65 -11.85 -36.85 1.01
CA TYR F 65 -11.54 -37.35 -0.32
C TYR F 65 -12.53 -36.83 -1.36
N LYS F 66 -12.09 -36.86 -2.61
CA LYS F 66 -12.93 -36.60 -3.77
C LYS F 66 -12.45 -37.51 -4.89
N ILE F 67 -13.34 -38.39 -5.37
CA ILE F 67 -12.94 -39.49 -6.24
C ILE F 67 -13.78 -39.48 -7.51
N HIS F 68 -13.13 -39.78 -8.63
CA HIS F 68 -13.76 -39.99 -9.93
C HIS F 68 -13.46 -41.42 -10.38
N GLU F 69 -13.80 -41.71 -11.65
CA GLU F 69 -13.60 -43.02 -12.28
C GLU F 69 -14.06 -44.15 -11.34
N ALA F 70 -15.39 -44.16 -11.14
CA ALA F 70 -16.06 -44.94 -10.10
C ALA F 70 -15.48 -46.31 -9.80
N PRO F 71 -15.14 -47.17 -10.77
CA PRO F 71 -14.52 -48.46 -10.40
C PRO F 71 -13.08 -48.29 -9.91
N PHE F 72 -12.83 -48.53 -8.63
CA PHE F 72 -11.53 -48.31 -8.03
C PHE F 72 -11.23 -49.40 -7.02
N ASP F 73 -9.98 -49.39 -6.52
CA ASP F 73 -9.51 -50.36 -5.53
C ASP F 73 -8.85 -49.59 -4.40
N LEU F 74 -9.51 -49.54 -3.24
CA LEU F 74 -8.99 -48.83 -2.08
C LEU F 74 -8.32 -49.79 -1.12
N LEU F 75 -7.24 -49.33 -0.48
CA LEU F 75 -6.53 -50.13 0.53
C LEU F 75 -6.15 -49.22 1.68
N LEU F 76 -6.81 -49.39 2.82
CA LEU F 76 -6.55 -48.57 4.01
C LEU F 76 -5.71 -49.43 4.96
N GLU F 77 -4.41 -49.14 5.04
CA GLU F 77 -3.48 -50.03 5.71
C GLU F 77 -2.77 -49.29 6.85
N TRP F 78 -2.80 -49.89 8.03
CA TRP F 78 -2.13 -49.37 9.21
C TRP F 78 -0.82 -50.13 9.37
N LEU F 79 0.29 -49.40 9.40
CA LEU F 79 1.60 -49.93 9.75
C LEU F 79 2.07 -49.37 11.09
N TYR F 80 3.11 -50.00 11.62
CA TYR F 80 3.61 -49.68 12.95
C TYR F 80 5.13 -49.68 12.91
N VAL F 81 5.75 -48.74 13.63
CA VAL F 81 7.19 -48.73 13.79
C VAL F 81 7.50 -48.40 15.26
N PRO F 82 8.29 -49.22 15.94
CA PRO F 82 8.56 -48.97 17.36
C PRO F 82 9.71 -48.02 17.59
N ILE F 83 9.51 -47.10 18.53
CA ILE F 83 10.56 -46.17 18.93
C ILE F 83 11.02 -46.51 20.34
N ALA F 121 8.51 -51.65 8.41
CA ALA F 121 8.38 -52.86 9.23
C ALA F 121 7.04 -52.87 9.97
N GLN F 122 6.70 -54.06 10.49
CA GLN F 122 5.62 -54.22 11.47
C GLN F 122 4.28 -53.71 10.95
N ARG F 123 3.76 -54.43 9.95
CA ARG F 123 2.34 -54.33 9.62
C ARG F 123 1.51 -54.64 10.86
N VAL F 124 0.45 -53.86 11.06
CA VAL F 124 -0.47 -54.07 12.17
C VAL F 124 -1.90 -54.33 11.69
N ALA F 125 -2.39 -53.56 10.73
CA ALA F 125 -3.77 -53.74 10.28
C ALA F 125 -3.90 -53.44 8.80
N SER F 126 -4.96 -53.95 8.20
CA SER F 126 -5.19 -53.73 6.78
C SER F 126 -6.68 -53.90 6.47
N THR F 127 -7.17 -53.07 5.55
CA THR F 127 -8.53 -53.16 5.03
C THR F 127 -8.49 -52.94 3.53
N VAL F 128 -9.34 -53.66 2.80
CA VAL F 128 -9.39 -53.57 1.34
C VAL F 128 -10.83 -53.39 0.90
N TYR F 129 -11.06 -52.40 0.03
CA TYR F 129 -12.33 -52.17 -0.65
C TYR F 129 -12.04 -52.39 -2.13
N GLN F 130 -12.25 -53.61 -2.59
CA GLN F 130 -11.81 -54.04 -3.91
C GLN F 130 -12.96 -54.01 -4.91
N ASN F 131 -12.65 -53.51 -6.12
CA ASN F 131 -13.60 -53.50 -7.24
C ASN F 131 -14.90 -52.81 -6.85
N CYS F 132 -14.78 -51.74 -6.08
CA CYS F 132 -15.96 -51.00 -5.67
C CYS F 132 -16.50 -50.18 -6.84
N GLU F 133 -17.80 -49.91 -6.81
CA GLU F 133 -18.46 -49.24 -7.93
C GLU F 133 -19.33 -48.07 -7.52
N HIS F 134 -19.55 -47.83 -6.23
CA HIS F 134 -20.35 -46.70 -5.75
C HIS F 134 -19.39 -45.74 -5.04
N ALA F 135 -18.83 -44.80 -5.81
CA ALA F 135 -17.81 -43.90 -5.28
C ALA F 135 -18.32 -42.48 -5.04
N ASP F 136 -19.49 -42.12 -5.56
CA ASP F 136 -19.95 -40.74 -5.50
C ASP F 136 -20.39 -40.32 -4.09
N ASN F 137 -20.69 -41.27 -3.21
CA ASN F 137 -21.22 -40.94 -1.89
C ASN F 137 -20.59 -41.87 -0.87
N TYR F 138 -21.21 -41.93 0.31
CA TYR F 138 -20.70 -42.67 1.47
C TYR F 138 -20.16 -44.04 1.09
N THR F 139 -18.96 -44.35 1.58
CA THR F 139 -18.34 -45.65 1.33
C THR F 139 -19.04 -46.78 2.05
N ALA F 140 -19.95 -46.48 2.99
CA ALA F 140 -20.71 -47.52 3.66
C ALA F 140 -21.65 -48.27 2.71
N TYR F 141 -21.97 -47.67 1.56
CA TYR F 141 -22.70 -48.39 0.53
C TYR F 141 -21.88 -49.57 0.00
N CYS F 142 -20.56 -49.43 0.03
CA CYS F 142 -19.63 -50.37 -0.59
C CYS F 142 -18.88 -51.09 0.53
N LEU F 143 -19.27 -52.32 0.83
CA LEU F 143 -18.73 -53.05 1.97
C LEU F 143 -17.64 -54.01 1.52
N GLY F 144 -16.53 -54.02 2.26
CA GLY F 144 -15.40 -54.88 1.95
C GLY F 144 -14.91 -55.67 3.14
N ILE F 145 -13.79 -56.37 2.95
CA ILE F 145 -13.23 -57.24 3.98
C ILE F 145 -11.94 -56.61 4.52
N SER F 146 -11.54 -57.08 5.69
CA SER F 146 -10.36 -56.55 6.39
C SER F 146 -9.60 -57.67 7.06
N HIS F 147 -8.27 -57.59 7.02
CA HIS F 147 -7.39 -58.53 7.71
C HIS F 147 -6.77 -57.85 8.92
N MET F 148 -6.77 -58.54 10.05
CA MET F 148 -6.21 -58.04 11.30
C MET F 148 -5.09 -58.98 11.72
N GLU F 149 -3.85 -58.51 11.63
CA GLU F 149 -2.73 -59.28 12.15
C GLU F 149 -2.89 -59.41 13.67
N PRO F 150 -2.95 -60.63 14.22
CA PRO F 150 -3.37 -60.80 15.61
C PRO F 150 -2.29 -60.55 16.64
N SER F 151 -1.08 -60.18 16.24
CA SER F 151 -0.05 -59.85 17.22
C SER F 151 -0.39 -58.59 18.01
N PHE F 152 -1.34 -57.80 17.53
CA PHE F 152 -1.87 -56.63 18.24
C PHE F 152 -3.34 -56.87 18.51
N GLY F 153 -3.78 -56.59 19.74
CA GLY F 153 -5.19 -56.74 20.03
C GLY F 153 -6.02 -55.80 19.18
N LEU F 154 -5.94 -54.51 19.49
CA LEU F 154 -6.28 -53.40 18.59
C LEU F 154 -7.52 -53.68 17.75
N ILE F 155 -8.66 -53.77 18.44
CA ILE F 155 -9.95 -53.98 17.77
C ILE F 155 -10.14 -52.90 16.72
N LEU F 156 -10.35 -53.32 15.47
CA LEU F 156 -10.59 -52.39 14.38
C LEU F 156 -12.01 -51.83 14.48
N HIS F 157 -12.26 -50.73 13.78
CA HIS F 157 -13.54 -50.04 13.86
C HIS F 157 -13.95 -49.59 12.46
N ASP F 158 -14.92 -48.67 12.42
CA ASP F 158 -15.67 -48.39 11.20
C ASP F 158 -14.76 -47.97 10.04
N GLY F 159 -15.00 -48.59 8.87
CA GLY F 159 -14.27 -48.24 7.67
C GLY F 159 -12.81 -48.56 7.67
N GLY F 160 -12.28 -49.14 8.74
CA GLY F 160 -10.86 -49.44 8.82
C GLY F 160 -10.01 -48.18 8.93
N THR F 161 -10.66 -47.04 9.17
CA THR F 161 -9.98 -45.77 9.27
C THR F 161 -9.76 -45.34 10.71
N THR F 162 -9.99 -46.23 11.67
CA THR F 162 -9.82 -45.87 13.07
C THR F 162 -9.48 -47.12 13.88
N LEU F 163 -8.41 -47.05 14.65
CA LEU F 163 -8.05 -48.12 15.59
C LEU F 163 -8.74 -47.87 16.92
N LYS F 164 -9.06 -48.96 17.61
CA LYS F 164 -9.59 -48.90 18.97
C LYS F 164 -8.64 -49.67 19.88
N PHE F 165 -8.21 -49.02 20.95
CA PHE F 165 -7.16 -49.53 21.83
C PHE F 165 -7.80 -49.95 23.15
N VAL F 166 -7.95 -51.26 23.36
CA VAL F 166 -8.65 -51.81 24.51
C VAL F 166 -7.63 -52.30 25.54
N ASP F 167 -7.82 -51.88 26.79
CA ASP F 167 -6.99 -52.29 27.93
C ASP F 167 -5.51 -52.29 27.56
N THR F 168 -5.04 -51.13 27.14
CA THR F 168 -3.72 -51.02 26.53
C THR F 168 -2.61 -51.17 27.56
N PRO F 169 -1.67 -52.11 27.37
CA PRO F 169 -0.45 -52.11 28.15
C PRO F 169 0.55 -51.10 27.59
N GLU F 170 1.63 -50.90 28.34
CA GLU F 170 2.68 -49.99 27.89
C GLU F 170 3.37 -50.51 26.63
N SER F 171 3.37 -51.84 26.43
CA SER F 171 4.12 -52.44 25.33
C SER F 171 3.60 -52.03 23.95
N LEU F 172 2.39 -51.50 23.85
CA LEU F 172 1.83 -51.11 22.57
C LEU F 172 2.24 -49.70 22.13
N SER F 173 3.11 -49.04 22.89
CA SER F 173 3.58 -47.72 22.51
C SER F 173 4.47 -47.80 21.28
N GLY F 174 4.51 -46.72 20.53
CA GLY F 174 5.27 -46.66 19.29
C GLY F 174 4.57 -45.74 18.31
N LEU F 175 5.22 -45.54 17.16
CA LEU F 175 4.69 -44.67 16.12
C LEU F 175 3.79 -45.49 15.20
N TYR F 176 2.56 -45.06 15.06
CA TYR F 176 1.61 -45.69 14.15
C TYR F 176 1.48 -44.84 12.90
N VAL F 177 1.38 -45.49 11.74
CA VAL F 177 1.17 -44.78 10.48
C VAL F 177 -0.02 -45.41 9.78
N PHE F 178 -0.77 -44.57 9.07
CA PHE F 178 -1.96 -45.00 8.34
C PHE F 178 -1.86 -44.49 6.91
N VAL F 179 -1.77 -45.41 5.96
CA VAL F 179 -1.55 -45.06 4.56
C VAL F 179 -2.69 -45.59 3.71
N VAL F 180 -3.12 -44.78 2.76
CA VAL F 180 -4.21 -45.14 1.85
C VAL F 180 -3.62 -45.33 0.45
N TYR F 181 -3.85 -46.51 -0.11
CA TYR F 181 -3.47 -46.85 -1.48
C TYR F 181 -4.71 -46.76 -2.35
N PHE F 182 -4.70 -45.86 -3.33
CA PHE F 182 -5.75 -45.76 -4.31
C PHE F 182 -5.25 -46.39 -5.61
N ASN F 183 -5.92 -47.45 -6.05
CA ASN F 183 -5.69 -48.12 -7.32
C ASN F 183 -4.24 -48.59 -7.48
N GLY F 184 -3.44 -48.55 -6.42
CA GLY F 184 -2.07 -48.97 -6.51
C GLY F 184 -1.06 -47.96 -6.00
N HIS F 185 -1.41 -46.67 -6.02
CA HIS F 185 -0.49 -45.62 -5.65
C HIS F 185 -0.89 -44.98 -4.33
N VAL F 186 0.11 -44.53 -3.58
CA VAL F 186 -0.15 -43.86 -2.30
C VAL F 186 -0.84 -42.54 -2.56
N GLU F 187 -1.96 -42.31 -1.87
CA GLU F 187 -2.66 -41.04 -2.00
C GLU F 187 -2.60 -40.16 -0.76
N ALA F 188 -2.38 -40.74 0.41
CA ALA F 188 -2.19 -39.96 1.63
C ALA F 188 -1.51 -40.84 2.66
N VAL F 189 -0.95 -40.19 3.68
CA VAL F 189 -0.26 -40.89 4.77
C VAL F 189 -0.31 -40.01 6.00
N ALA F 190 -0.66 -40.60 7.13
CA ALA F 190 -0.78 -39.88 8.39
C ALA F 190 0.04 -40.59 9.46
N TYR F 191 0.92 -39.84 10.12
CA TYR F 191 1.78 -40.37 11.17
C TYR F 191 1.24 -39.94 12.53
N THR F 192 1.16 -40.89 13.46
CA THR F 192 0.65 -40.64 14.80
C THR F 192 1.49 -41.37 15.83
N VAL F 193 1.87 -40.68 16.90
CA VAL F 193 2.74 -41.21 17.93
C VAL F 193 1.90 -41.50 19.18
N VAL F 194 1.97 -42.73 19.66
CA VAL F 194 1.26 -43.16 20.85
C VAL F 194 2.31 -43.58 21.88
N SER F 195 2.28 -42.95 23.05
CA SER F 195 3.34 -43.14 24.03
C SER F 195 2.81 -42.83 25.43
N THR F 196 3.67 -43.03 26.42
CA THR F 196 3.38 -42.75 27.84
C THR F 196 2.08 -43.38 28.31
#